data_7N5B
#
_entry.id   7N5B
#
_cell.length_a   1.00
_cell.length_b   1.00
_cell.length_c   1.00
_cell.angle_alpha   90.00
_cell.angle_beta   90.00
_cell.angle_gamma   90.00
#
_symmetry.space_group_name_H-M   'P 1'
#
loop_
_entity.id
_entity.type
_entity.pdbx_description
1 polymer 'ABC transporter B family member 25, mitochondrial'
2 non-polymer "ADENOSINE-5'-DIPHOSPHATE"
3 non-polymer 'VANADATE ION'
4 non-polymer 'MAGNESIUM ION'
#
_entity_poly.entity_id   1
_entity_poly.type   'polypeptide(L)'
_entity_poly.pdbx_seq_one_letter_code
;MSRGSRFVRAPGLLLCRVNLQPQPKIPSFSYSLRSDYRLHNGFSNYIRRNSIRTSPVINAFLSDNSPSPSPSPSPIRFVQ
RSSMLNGRLFSTSTPNPDQTTTKTKEIKTTSSDSDSAMADMKILRTLAGYLWMRDNPEFRFRVIAALGFLVGAKVLNVQV
PFLFKLAVDWLASATGTGASLTTFAATNPTLLTVFATPAAVLIGYGIARTGSSAFNELRTAVFSKVALRTIRSVSRKVFS
HLHDLDLRYHLSRETGGLNRIIDRGSRAINFILSAMVFNVVPTILEISMVSGILAYKFGAAFAWITSLSVGSYIVFTLAV
TQWRTKFRKAMNKADNDASTRAIDSLINYETVKYFNNEGYEAEKYDQFLKKYEDAALQTQRSLAFLNFGQSIIFSTALST
AMVLCSQGIMNGQMTVGDLVMVNGLLFQLSLPLNFLGSVYRETIQSLVDMKSMFQLLEEKSDITNTSDAKPLVLKGGNIE
FENVHFSYLPERKILDGISFVVPAGKSVAIVGTSGSGKSTILRMLFRFFDTDSGNIRIDGQDIKEVRLDSLRSSIGVVPQ
DTVLFNDTIFHNIHYGRLSATEEEVYEAARRAAIHETISNFPDKYSTIVGERGLKLSGGEKQRVALARTFLKSPAILLCD
EATSALDSTTEAEILNALKALASNRTSIFIAHRLTTAMQCDEIVVLENGKVVEQGPHDELLGKSGRYAQLWTQQNSSVDM
LDAAIKLEAAALEHHHHHH
;
_entity_poly.pdbx_strand_id   A,B
#
loop_
_chem_comp.id
_chem_comp.type
_chem_comp.name
_chem_comp.formula
ADP non-polymer ADENOSINE-5'-DIPHOSPHATE 'C10 H15 N5 O10 P2'
MG non-polymer 'MAGNESIUM ION' 'Mg 2'
VO4 non-polymer 'VANADATE ION' 'O4 V -3'
#
# COMPACT_ATOMS: atom_id res chain seq x y z
N ALA A 117 -14.89 6.34 24.01
CA ALA A 117 -16.21 5.71 23.97
C ALA A 117 -17.17 6.54 23.14
N MET A 118 -17.26 7.83 23.46
CA MET A 118 -18.16 8.72 22.73
C MET A 118 -17.68 8.94 21.30
N ALA A 119 -16.37 8.81 21.07
CA ALA A 119 -15.85 8.91 19.71
C ALA A 119 -16.38 7.77 18.85
N ASP A 120 -16.45 6.56 19.39
CA ASP A 120 -17.00 5.43 18.66
C ASP A 120 -18.48 5.63 18.37
N MET A 121 -19.21 6.25 19.30
CA MET A 121 -20.63 6.51 19.08
C MET A 121 -20.84 7.45 17.90
N LYS A 122 -19.99 8.47 17.77
CA LYS A 122 -20.06 9.35 16.60
C LYS A 122 -19.75 8.59 15.33
N ILE A 123 -18.80 7.66 15.39
CA ILE A 123 -18.45 6.87 14.21
C ILE A 123 -19.63 6.03 13.75
N LEU A 124 -20.31 5.37 14.69
CA LEU A 124 -21.47 4.55 14.34
C LEU A 124 -22.60 5.41 13.80
N ARG A 125 -22.82 6.59 14.38
CA ARG A 125 -23.87 7.48 13.91
C ARG A 125 -23.62 7.95 12.49
N THR A 126 -22.36 8.30 12.18
CA THR A 126 -22.03 8.74 10.83
C THR A 126 -22.24 7.63 9.81
N LEU A 127 -21.83 6.40 10.16
CA LEU A 127 -22.01 5.27 9.25
C LEU A 127 -23.50 4.96 9.05
N ALA A 128 -24.30 5.09 10.11
CA ALA A 128 -25.72 4.80 10.01
C ALA A 128 -26.42 5.79 9.07
N GLY A 129 -25.99 7.05 9.09
CA GLY A 129 -26.60 8.04 8.20
C GLY A 129 -26.40 7.72 6.73
N TYR A 130 -25.27 7.12 6.38
CA TYR A 130 -25.01 6.76 4.99
C TYR A 130 -26.00 5.71 4.48
N LEU A 131 -26.38 4.75 5.35
CA LEU A 131 -27.30 3.70 4.93
C LEU A 131 -28.68 4.26 4.60
N TRP A 132 -29.14 5.23 5.38
CA TRP A 132 -30.48 5.82 5.22
C TRP A 132 -30.43 7.13 4.44
N MET A 133 -29.58 7.20 3.41
CA MET A 133 -29.48 8.39 2.57
C MET A 133 -30.84 8.77 2.02
N ARG A 134 -31.30 9.98 2.37
CA ARG A 134 -32.64 10.41 1.99
C ARG A 134 -32.74 10.80 0.52
N ASP A 135 -31.62 11.06 -0.14
CA ASP A 135 -31.65 11.53 -1.53
C ASP A 135 -32.17 10.44 -2.47
N ASN A 136 -31.78 9.19 -2.23
CA ASN A 136 -32.14 8.08 -3.11
C ASN A 136 -33.30 7.30 -2.52
N PRO A 137 -34.50 7.37 -3.09
CA PRO A 137 -35.61 6.55 -2.58
C PRO A 137 -35.41 5.06 -2.85
N GLU A 138 -34.54 4.70 -3.80
CA GLU A 138 -34.31 3.29 -4.11
C GLU A 138 -33.72 2.55 -2.92
N PHE A 139 -32.82 3.20 -2.16
CA PHE A 139 -32.20 2.54 -1.02
C PHE A 139 -33.23 2.18 0.04
N ARG A 140 -34.23 3.05 0.24
CA ARG A 140 -35.28 2.75 1.23
C ARG A 140 -36.04 1.49 0.85
N PHE A 141 -36.38 1.34 -0.44
CA PHE A 141 -37.01 0.11 -0.90
C PHE A 141 -36.07 -1.08 -0.74
N ARG A 142 -34.77 -0.86 -0.96
CA ARG A 142 -33.81 -1.96 -0.95
C ARG A 142 -33.62 -2.52 0.46
N VAL A 143 -33.51 -1.65 1.45
CA VAL A 143 -33.23 -2.12 2.82
C VAL A 143 -34.44 -2.83 3.41
N ILE A 144 -35.65 -2.31 3.18
CA ILE A 144 -36.85 -2.91 3.75
C ILE A 144 -37.13 -4.25 3.09
N ALA A 145 -36.78 -4.40 1.81
CA ALA A 145 -36.99 -5.68 1.13
C ALA A 145 -36.15 -6.77 1.77
N ALA A 146 -34.89 -6.49 2.08
CA ALA A 146 -34.03 -7.50 2.70
C ALA A 146 -34.52 -7.87 4.09
N LEU A 147 -34.98 -6.88 4.86
CA LEU A 147 -35.49 -7.16 6.20
C LEU A 147 -36.71 -8.08 6.14
N GLY A 148 -37.65 -7.79 5.24
CA GLY A 148 -38.79 -8.68 5.07
C GLY A 148 -38.39 -10.04 4.55
N PHE A 149 -37.32 -10.10 3.76
CA PHE A 149 -36.81 -11.38 3.28
C PHE A 149 -36.24 -12.23 4.41
N LEU A 150 -35.62 -11.58 5.40
CA LEU A 150 -35.05 -12.30 6.52
C LEU A 150 -36.14 -12.84 7.45
N VAL A 151 -37.14 -12.01 7.76
CA VAL A 151 -38.19 -12.44 8.68
C VAL A 151 -39.03 -13.55 8.05
N GLY A 152 -39.21 -13.51 6.73
CA GLY A 152 -39.92 -14.59 6.07
C GLY A 152 -39.22 -15.92 6.19
N ALA A 153 -37.89 -15.91 6.05
CA ALA A 153 -37.11 -17.14 6.24
C ALA A 153 -37.15 -17.60 7.69
N LYS A 154 -37.08 -16.66 8.63
CA LYS A 154 -37.10 -17.02 10.05
C LYS A 154 -38.42 -17.67 10.43
N VAL A 155 -39.54 -17.13 9.96
CA VAL A 155 -40.84 -17.73 10.25
C VAL A 155 -40.95 -19.11 9.63
N LEU A 156 -40.52 -19.24 8.36
CA LEU A 156 -40.60 -20.53 7.70
C LEU A 156 -39.66 -21.55 8.32
N ASN A 157 -38.49 -21.09 8.79
CA ASN A 157 -37.55 -22.00 9.43
C ASN A 157 -38.13 -22.63 10.68
N VAL A 158 -38.90 -21.86 11.45
CA VAL A 158 -39.56 -22.39 12.64
C VAL A 158 -40.65 -23.40 12.23
N GLN A 159 -41.34 -23.13 11.13
CA GLN A 159 -42.45 -23.98 10.71
C GLN A 159 -41.96 -25.35 10.23
N VAL A 160 -40.72 -25.45 9.75
CA VAL A 160 -40.24 -26.70 9.17
C VAL A 160 -40.23 -27.85 10.16
N PRO A 161 -39.66 -27.72 11.37
CA PRO A 161 -39.73 -28.85 12.32
C PRO A 161 -41.15 -29.25 12.68
N PHE A 162 -42.06 -28.29 12.78
CA PHE A 162 -43.44 -28.60 13.13
C PHE A 162 -44.11 -29.46 12.06
N LEU A 163 -43.85 -29.15 10.79
CA LEU A 163 -44.42 -29.95 9.71
C LEU A 163 -43.87 -31.37 9.73
N PHE A 164 -42.56 -31.52 9.96
CA PHE A 164 -41.96 -32.85 10.01
C PHE A 164 -42.50 -33.65 11.20
N LYS A 165 -42.65 -33.00 12.35
CA LYS A 165 -43.15 -33.70 13.54
C LYS A 165 -44.58 -34.17 13.33
N LEU A 166 -45.42 -33.35 12.69
CA LEU A 166 -46.80 -33.74 12.45
C LEU A 166 -46.88 -34.96 11.54
N ALA A 167 -46.06 -35.00 10.49
CA ALA A 167 -46.07 -36.14 9.58
C ALA A 167 -45.63 -37.42 10.29
N VAL A 168 -44.60 -37.33 11.12
CA VAL A 168 -44.11 -38.50 11.85
C VAL A 168 -45.18 -39.00 12.83
N ASP A 169 -45.79 -38.07 13.57
CA ASP A 169 -46.83 -38.47 14.52
C ASP A 169 -48.03 -39.08 13.82
N TRP A 170 -48.45 -38.49 12.70
CA TRP A 170 -49.58 -39.03 11.96
C TRP A 170 -49.27 -40.41 11.39
N LEU A 171 -48.05 -40.58 10.86
CA LEU A 171 -47.66 -41.89 10.32
C LEU A 171 -47.60 -42.95 11.42
N ALA A 172 -47.09 -42.57 12.60
CA ALA A 172 -47.04 -43.51 13.72
C ALA A 172 -48.44 -43.93 14.15
N SER A 173 -49.37 -42.99 14.20
CA SER A 173 -50.75 -43.32 14.57
C SER A 173 -51.38 -44.25 13.53
N ALA A 174 -51.14 -43.99 12.25
CA ALA A 174 -51.69 -44.81 11.19
C ALA A 174 -50.97 -46.15 11.10
N PHE A 195 -48.95 -43.72 0.03
CA PHE A 195 -50.14 -42.92 0.23
C PHE A 195 -49.94 -41.50 -0.28
N ALA A 196 -51.01 -40.91 -0.82
CA ALA A 196 -50.89 -39.59 -1.45
C ALA A 196 -50.63 -38.50 -0.41
N THR A 197 -51.31 -38.55 0.72
CA THR A 197 -51.17 -37.48 1.71
C THR A 197 -49.75 -37.34 2.24
N PRO A 198 -49.04 -38.41 2.65
CA PRO A 198 -47.64 -38.22 3.04
C PRO A 198 -46.77 -37.66 1.92
N ALA A 199 -47.05 -38.05 0.67
CA ALA A 199 -46.27 -37.53 -0.44
C ALA A 199 -46.40 -36.02 -0.57
N ALA A 200 -47.62 -35.50 -0.46
CA ALA A 200 -47.82 -34.06 -0.52
C ALA A 200 -47.12 -33.37 0.65
N VAL A 201 -47.14 -33.99 1.83
CA VAL A 201 -46.41 -33.45 2.97
C VAL A 201 -44.91 -33.43 2.69
N LEU A 202 -44.39 -34.52 2.13
CA LEU A 202 -42.97 -34.56 1.78
C LEU A 202 -42.64 -33.57 0.67
N ILE A 203 -43.53 -33.42 -0.30
CA ILE A 203 -43.31 -32.38 -1.32
C ILE A 203 -43.32 -31.00 -0.67
N GLY A 204 -44.31 -30.73 0.18
CA GLY A 204 -44.34 -29.44 0.87
C GLY A 204 -43.11 -29.23 1.73
N TYR A 205 -42.59 -30.30 2.33
CA TYR A 205 -41.30 -30.23 3.01
C TYR A 205 -40.18 -29.88 2.04
N GLY A 206 -40.30 -30.31 0.78
CA GLY A 206 -39.27 -29.97 -0.20
C GLY A 206 -39.19 -28.49 -0.48
N ILE A 207 -40.34 -27.84 -0.71
CA ILE A 207 -40.36 -26.40 -0.96
C ILE A 207 -39.95 -25.64 0.30
N ALA A 208 -40.33 -26.16 1.48
CA ALA A 208 -39.95 -25.51 2.73
C ALA A 208 -38.43 -25.43 2.87
N ARG A 209 -37.73 -26.53 2.54
CA ARG A 209 -36.27 -26.49 2.55
C ARG A 209 -35.74 -25.55 1.47
N THR A 210 -36.33 -25.61 0.27
CA THR A 210 -35.91 -24.70 -0.79
C THR A 210 -36.26 -23.25 -0.46
N GLY A 211 -37.45 -23.03 0.13
CA GLY A 211 -37.85 -21.67 0.43
C GLY A 211 -36.98 -21.00 1.47
N SER A 212 -36.54 -21.77 2.48
CA SER A 212 -35.69 -21.20 3.52
C SER A 212 -34.36 -20.71 2.94
N SER A 213 -33.75 -21.50 2.06
CA SER A 213 -32.49 -21.10 1.46
C SER A 213 -32.70 -20.00 0.42
N ALA A 214 -33.82 -20.04 -0.31
CA ALA A 214 -34.09 -19.05 -1.33
C ALA A 214 -34.22 -17.65 -0.74
N PHE A 215 -34.92 -17.54 0.39
CA PHE A 215 -35.08 -16.24 1.03
C PHE A 215 -33.75 -15.70 1.54
N ASN A 216 -32.90 -16.57 2.09
CA ASN A 216 -31.65 -16.11 2.67
C ASN A 216 -30.66 -15.65 1.60
N GLU A 217 -30.53 -16.44 0.54
CA GLU A 217 -29.56 -16.12 -0.51
C GLU A 217 -29.99 -14.89 -1.31
N LEU A 218 -31.30 -14.79 -1.58
CA LEU A 218 -31.81 -13.65 -2.33
C LEU A 218 -31.77 -12.38 -1.50
N ARG A 219 -31.63 -12.52 -0.18
CA ARG A 219 -31.57 -11.35 0.70
C ARG A 219 -30.24 -10.62 0.58
N THR A 220 -29.13 -11.37 0.49
CA THR A 220 -27.81 -10.76 0.57
C THR A 220 -27.41 -10.04 -0.72
N ALA A 221 -28.11 -10.32 -1.83
CA ALA A 221 -27.76 -9.68 -3.10
C ALA A 221 -28.00 -8.17 -3.04
N VAL A 222 -29.13 -7.75 -2.48
CA VAL A 222 -29.48 -6.34 -2.45
C VAL A 222 -28.58 -5.57 -1.48
N PHE A 223 -28.44 -6.09 -0.26
CA PHE A 223 -27.64 -5.40 0.75
C PHE A 223 -26.18 -5.32 0.33
N SER A 224 -25.70 -6.29 -0.43
CA SER A 224 -24.34 -6.20 -0.97
C SER A 224 -24.20 -4.97 -1.87
N LYS A 225 -25.19 -4.72 -2.71
CA LYS A 225 -25.16 -3.55 -3.58
C LYS A 225 -25.12 -2.26 -2.77
N VAL A 226 -25.99 -2.14 -1.77
CA VAL A 226 -26.03 -0.89 -1.02
C VAL A 226 -24.76 -0.71 -0.20
N ALA A 227 -24.22 -1.79 0.38
CA ALA A 227 -23.00 -1.71 1.16
C ALA A 227 -21.81 -1.32 0.28
N LEU A 228 -21.74 -1.89 -0.93
CA LEU A 228 -20.64 -1.55 -1.82
C LEU A 228 -20.74 -0.12 -2.31
N ARG A 229 -21.96 0.37 -2.56
CA ARG A 229 -22.13 1.77 -2.91
C ARG A 229 -21.67 2.69 -1.78
N THR A 230 -22.02 2.34 -0.54
CA THR A 230 -21.54 3.11 0.60
C THR A 230 -20.02 3.07 0.70
N ILE A 231 -19.43 1.90 0.44
CA ILE A 231 -17.98 1.77 0.46
C ILE A 231 -17.34 2.71 -0.55
N ARG A 232 -17.87 2.72 -1.78
CA ARG A 232 -17.33 3.59 -2.81
C ARG A 232 -17.45 5.06 -2.44
N SER A 233 -18.62 5.45 -1.91
CA SER A 233 -18.81 6.85 -1.53
C SER A 233 -17.85 7.25 -0.42
N VAL A 234 -17.68 6.40 0.60
CA VAL A 234 -16.78 6.71 1.70
C VAL A 234 -15.34 6.82 1.22
N SER A 235 -14.92 5.89 0.34
CA SER A 235 -13.56 5.95 -0.17
C SER A 235 -13.33 7.22 -0.98
N ARG A 236 -14.29 7.60 -1.82
CA ARG A 236 -14.14 8.83 -2.59
C ARG A 236 -14.07 10.05 -1.68
N LYS A 237 -14.90 10.09 -0.64
CA LYS A 237 -14.86 11.22 0.29
C LYS A 237 -13.52 11.29 1.01
N VAL A 238 -12.99 10.15 1.43
CA VAL A 238 -11.69 10.12 2.10
C VAL A 238 -10.60 10.61 1.15
N PHE A 239 -10.65 10.16 -0.10
CA PHE A 239 -9.67 10.61 -1.11
C PHE A 239 -9.72 12.12 -1.27
N SER A 240 -10.93 12.68 -1.42
CA SER A 240 -11.08 14.11 -1.60
C SER A 240 -10.57 14.88 -0.39
N HIS A 241 -10.90 14.41 0.82
CA HIS A 241 -10.45 15.10 2.02
C HIS A 241 -8.94 15.02 2.18
N LEU A 242 -8.35 13.89 1.82
CA LEU A 242 -6.90 13.75 1.88
C LEU A 242 -6.20 14.73 0.96
N HIS A 243 -6.72 14.91 -0.25
CA HIS A 243 -6.14 15.94 -1.12
C HIS A 243 -6.51 17.35 -0.66
N ASP A 244 -7.59 17.50 0.10
CA ASP A 244 -7.94 18.82 0.63
C ASP A 244 -6.98 19.24 1.73
N LEU A 245 -6.46 18.27 2.49
CA LEU A 245 -5.58 18.57 3.63
C LEU A 245 -4.40 19.49 3.27
N ASP A 246 -3.86 20.16 4.28
CA ASP A 246 -2.87 21.21 4.08
C ASP A 246 -1.51 20.63 3.73
N LEU A 247 -0.60 21.53 3.30
CA LEU A 247 0.73 21.11 2.90
C LEU A 247 1.57 20.64 4.09
N ARG A 248 1.38 21.25 5.26
CA ARG A 248 2.20 20.89 6.41
C ARG A 248 1.98 19.44 6.82
N TYR A 249 0.78 18.89 6.61
CA TYR A 249 0.59 17.46 6.82
C TYR A 249 1.43 16.65 5.84
N HIS A 250 1.50 17.09 4.60
CA HIS A 250 2.41 16.48 3.63
C HIS A 250 3.84 16.89 3.94
N LEU A 251 4.76 16.38 3.11
CA LEU A 251 6.20 16.66 3.22
C LEU A 251 6.78 16.04 4.48
N SER A 252 5.91 15.49 5.35
CA SER A 252 6.34 14.75 6.52
C SER A 252 5.47 13.52 6.74
N ARG A 253 4.77 13.06 5.70
CA ARG A 253 3.84 11.95 5.81
C ARG A 253 4.57 10.62 5.81
N GLU A 254 3.85 9.58 6.19
CA GLU A 254 4.37 8.20 6.17
C GLU A 254 3.77 7.53 4.93
N THR A 255 4.52 7.56 3.83
CA THR A 255 4.05 6.99 2.57
C THR A 255 3.88 5.49 2.72
N GLY A 256 2.65 5.02 2.59
CA GLY A 256 2.34 3.62 2.76
C GLY A 256 1.40 3.36 3.91
N GLY A 257 1.62 4.07 5.02
CA GLY A 257 0.68 3.98 6.13
C GLY A 257 -0.70 4.44 5.73
N LEU A 258 -0.78 5.48 4.90
CA LEU A 258 -2.08 5.99 4.45
C LEU A 258 -2.83 4.92 3.66
N ASN A 259 -2.16 4.29 2.69
CA ASN A 259 -2.86 3.30 1.86
C ASN A 259 -3.17 2.03 2.64
N ARG A 260 -2.29 1.62 3.55
CA ARG A 260 -2.59 0.47 4.40
C ARG A 260 -3.81 0.75 5.29
N ILE A 261 -3.87 1.95 5.87
CA ILE A 261 -5.03 2.32 6.69
C ILE A 261 -6.29 2.34 5.84
N ILE A 262 -6.21 2.89 4.63
CA ILE A 262 -7.38 2.97 3.78
C ILE A 262 -7.88 1.58 3.41
N ASP A 263 -6.96 0.67 3.05
CA ASP A 263 -7.37 -0.68 2.71
C ASP A 263 -7.98 -1.39 3.91
N ARG A 264 -7.34 -1.28 5.07
CA ARG A 264 -7.84 -1.96 6.27
C ARG A 264 -9.22 -1.44 6.68
N GLY A 265 -9.41 -0.12 6.63
CA GLY A 265 -10.72 0.43 6.96
C GLY A 265 -11.79 0.09 5.95
N SER A 266 -11.45 0.14 4.66
CA SER A 266 -12.43 -0.19 3.63
C SER A 266 -12.85 -1.65 3.73
N ARG A 267 -11.93 -2.54 4.13
CA ARG A 267 -12.32 -3.92 4.38
C ARG A 267 -13.21 -4.04 5.61
N ALA A 268 -13.05 -3.13 6.57
CA ALA A 268 -13.77 -3.25 7.84
C ALA A 268 -15.22 -2.79 7.73
N ILE A 269 -15.50 -1.80 6.88
CA ILE A 269 -16.83 -1.20 6.85
C ILE A 269 -17.88 -2.21 6.38
N ASN A 270 -17.50 -3.09 5.45
CA ASN A 270 -18.46 -4.01 4.85
C ASN A 270 -19.07 -4.94 5.91
N PHE A 271 -18.23 -5.50 6.78
CA PHE A 271 -18.73 -6.41 7.80
C PHE A 271 -19.64 -5.69 8.79
N ILE A 272 -19.24 -4.48 9.22
CA ILE A 272 -20.05 -3.73 10.18
C ILE A 272 -21.41 -3.39 9.58
N LEU A 273 -21.43 -2.98 8.31
CA LEU A 273 -22.71 -2.69 7.65
C LEU A 273 -23.56 -3.95 7.52
N SER A 274 -22.94 -5.06 7.15
CA SER A 274 -23.70 -6.29 6.91
C SER A 274 -24.25 -6.87 8.21
N ALA A 275 -23.44 -6.88 9.27
CA ALA A 275 -23.84 -7.59 10.49
C ALA A 275 -24.87 -6.80 11.29
N MET A 276 -24.78 -5.47 11.29
CA MET A 276 -25.59 -4.67 12.20
C MET A 276 -27.08 -4.75 11.85
N VAL A 277 -27.40 -4.79 10.56
CA VAL A 277 -28.80 -4.71 10.14
C VAL A 277 -29.55 -5.99 10.48
N PHE A 278 -28.95 -7.15 10.21
CA PHE A 278 -29.69 -8.41 10.18
C PHE A 278 -29.44 -9.32 11.36
N ASN A 279 -28.43 -9.07 12.19
CA ASN A 279 -28.00 -10.04 13.18
C ASN A 279 -28.38 -9.67 14.61
N VAL A 280 -28.35 -8.39 14.98
CA VAL A 280 -28.50 -7.99 16.37
C VAL A 280 -29.93 -8.23 16.87
N VAL A 281 -30.93 -7.86 16.08
CA VAL A 281 -32.31 -7.92 16.56
C VAL A 281 -32.86 -9.34 16.53
N PRO A 282 -32.79 -10.10 15.43
CA PRO A 282 -33.38 -11.46 15.45
C PRO A 282 -32.78 -12.37 16.51
N THR A 283 -31.48 -12.27 16.76
CA THR A 283 -30.86 -13.11 17.79
C THR A 283 -31.38 -12.75 19.18
N ILE A 284 -31.54 -11.46 19.45
CA ILE A 284 -32.10 -11.03 20.73
C ILE A 284 -33.54 -11.53 20.87
N LEU A 285 -34.31 -11.45 19.79
CA LEU A 285 -35.69 -11.93 19.84
C LEU A 285 -35.73 -13.44 20.11
N GLU A 286 -34.85 -14.20 19.45
CA GLU A 286 -34.80 -15.65 19.68
C GLU A 286 -34.38 -15.96 21.11
N ILE A 287 -33.41 -15.20 21.64
CA ILE A 287 -32.99 -15.40 23.03
C ILE A 287 -34.14 -15.13 23.98
N SER A 288 -34.90 -14.06 23.72
CA SER A 288 -36.06 -13.76 24.57
C SER A 288 -37.11 -14.86 24.49
N MET A 289 -37.35 -15.40 23.29
CA MET A 289 -38.32 -16.47 23.13
C MET A 289 -37.89 -17.73 23.89
N VAL A 290 -36.62 -18.10 23.78
CA VAL A 290 -36.14 -19.28 24.50
C VAL A 290 -36.15 -19.02 26.00
N SER A 291 -35.88 -17.79 26.42
CA SER A 291 -35.96 -17.44 27.84
C SER A 291 -37.38 -17.59 28.36
N GLY A 292 -38.37 -17.17 27.57
CA GLY A 292 -39.76 -17.40 27.96
C GLY A 292 -40.12 -18.87 28.01
N ILE A 293 -39.61 -19.64 27.06
CA ILE A 293 -39.85 -21.09 27.07
C ILE A 293 -39.28 -21.71 28.34
N LEU A 294 -38.07 -21.31 28.73
CA LEU A 294 -37.48 -21.83 29.96
C LEU A 294 -38.21 -21.30 31.20
N ALA A 295 -38.75 -20.09 31.13
CA ALA A 295 -39.57 -19.58 32.23
C ALA A 295 -40.82 -20.42 32.41
N TYR A 296 -41.39 -20.89 31.30
CA TYR A 296 -42.44 -21.92 31.40
C TYR A 296 -41.90 -23.14 32.12
N LYS A 297 -42.81 -23.92 32.70
CA LYS A 297 -42.50 -25.08 33.56
C LYS A 297 -41.40 -24.72 34.57
N PHE A 298 -41.78 -23.81 35.46
CA PHE A 298 -40.86 -23.25 36.45
C PHE A 298 -40.21 -24.36 37.28
N GLY A 299 -38.90 -24.23 37.48
CA GLY A 299 -38.16 -25.10 38.37
C GLY A 299 -37.76 -24.40 39.65
N ALA A 300 -37.99 -23.09 39.69
CA ALA A 300 -37.79 -22.23 40.86
C ALA A 300 -36.31 -22.00 41.16
N ALA A 301 -35.43 -22.66 40.42
CA ALA A 301 -33.99 -22.45 40.54
C ALA A 301 -33.26 -22.37 39.21
N PHE A 302 -33.80 -22.97 38.14
CA PHE A 302 -33.12 -22.93 36.86
C PHE A 302 -33.02 -21.52 36.31
N ALA A 303 -34.05 -20.69 36.55
CA ALA A 303 -33.99 -19.29 36.13
C ALA A 303 -32.85 -18.56 36.82
N TRP A 304 -32.69 -18.77 38.13
CA TRP A 304 -31.60 -18.14 38.85
C TRP A 304 -30.24 -18.63 38.34
N ILE A 305 -30.12 -19.93 38.10
CA ILE A 305 -28.85 -20.49 37.63
C ILE A 305 -28.49 -19.91 36.26
N THR A 306 -29.47 -19.87 35.34
CA THR A 306 -29.18 -19.36 34.01
C THR A 306 -28.94 -17.85 34.01
N SER A 307 -29.60 -17.11 34.91
CA SER A 307 -29.32 -15.69 35.02
C SER A 307 -27.89 -15.45 35.51
N LEU A 308 -27.47 -16.21 36.52
CA LEU A 308 -26.10 -16.09 37.00
C LEU A 308 -25.09 -16.46 35.91
N SER A 309 -25.37 -17.54 35.18
CA SER A 309 -24.48 -17.95 34.10
C SER A 309 -24.39 -16.89 33.02
N VAL A 310 -25.53 -16.30 32.64
CA VAL A 310 -25.54 -15.27 31.61
C VAL A 310 -24.77 -14.04 32.08
N GLY A 311 -24.97 -13.63 33.32
CA GLY A 311 -24.24 -12.48 33.84
C GLY A 311 -22.73 -12.71 33.85
N SER A 312 -22.32 -13.90 34.32
CA SER A 312 -20.89 -14.22 34.34
C SER A 312 -20.33 -14.26 32.92
N TYR A 313 -21.09 -14.83 31.98
CA TYR A 313 -20.64 -14.89 30.59
C TYR A 313 -20.45 -13.50 30.02
N ILE A 314 -21.42 -12.60 30.26
CA ILE A 314 -21.31 -11.24 29.72
C ILE A 314 -20.12 -10.52 30.35
N VAL A 315 -19.94 -10.65 31.67
CA VAL A 315 -18.82 -9.98 32.33
C VAL A 315 -17.49 -10.49 31.77
N PHE A 316 -17.37 -11.81 31.63
CA PHE A 316 -16.14 -12.39 31.12
C PHE A 316 -15.86 -11.95 29.69
N THR A 317 -16.89 -11.95 28.83
CA THR A 317 -16.71 -11.55 27.44
C THR A 317 -16.30 -10.08 27.35
N LEU A 318 -16.95 -9.21 28.12
CA LEU A 318 -16.58 -7.79 28.09
C LEU A 318 -15.16 -7.58 28.57
N ALA A 319 -14.76 -8.26 29.65
CA ALA A 319 -13.40 -8.12 30.16
C ALA A 319 -12.38 -8.61 29.14
N VAL A 320 -12.64 -9.75 28.51
CA VAL A 320 -11.71 -10.30 27.53
C VAL A 320 -11.59 -9.38 26.32
N THR A 321 -12.72 -8.86 25.83
CA THR A 321 -12.67 -7.95 24.69
C THR A 321 -11.93 -6.66 25.03
N GLN A 322 -12.16 -6.12 26.23
CA GLN A 322 -11.46 -4.91 26.64
C GLN A 322 -9.96 -5.15 26.74
N TRP A 323 -9.55 -6.31 27.27
CA TRP A 323 -8.14 -6.64 27.33
C TRP A 323 -7.55 -6.81 25.94
N ARG A 324 -8.26 -7.48 25.04
CA ARG A 324 -7.75 -7.76 23.70
C ARG A 324 -7.73 -6.54 22.81
N THR A 325 -8.50 -5.49 23.14
CA THR A 325 -8.47 -4.27 22.34
C THR A 325 -7.07 -3.66 22.30
N LYS A 326 -6.32 -3.77 23.40
CA LYS A 326 -4.98 -3.21 23.44
C LYS A 326 -4.03 -3.93 22.49
N PHE A 327 -4.14 -5.25 22.39
CA PHE A 327 -3.21 -6.02 21.56
C PHE A 327 -3.35 -5.67 20.09
N ARG A 328 -4.57 -5.47 19.60
CA ARG A 328 -4.77 -5.15 18.20
C ARG A 328 -4.13 -3.81 17.84
N LYS A 329 -4.22 -2.83 18.73
CA LYS A 329 -3.63 -1.52 18.46
C LYS A 329 -2.12 -1.62 18.32
N ALA A 330 -1.47 -2.43 19.15
CA ALA A 330 -0.02 -2.61 19.04
C ALA A 330 0.36 -3.25 17.72
N MET A 331 -0.39 -4.26 17.30
CA MET A 331 -0.09 -4.93 16.03
C MET A 331 -0.29 -3.99 14.85
N ASN A 332 -1.36 -3.19 14.89
CA ASN A 332 -1.65 -2.29 13.78
C ASN A 332 -0.56 -1.24 13.61
N LYS A 333 -0.02 -0.73 14.73
CA LYS A 333 1.03 0.27 14.67
C LYS A 333 2.28 -0.29 14.01
N ALA A 334 2.64 -1.53 14.35
CA ALA A 334 3.85 -2.14 13.79
C ALA A 334 3.70 -2.39 12.29
N ASP A 335 2.50 -2.79 11.86
CA ASP A 335 2.30 -3.12 10.45
C ASP A 335 2.52 -1.91 9.55
N ASN A 336 2.01 -0.75 9.95
CA ASN A 336 2.15 0.46 9.12
C ASN A 336 3.61 0.87 9.01
N ASP A 337 4.35 0.79 10.11
CA ASP A 337 5.74 1.22 10.11
C ASP A 337 6.57 0.37 9.16
N ALA A 338 6.35 -0.95 9.16
CA ALA A 338 7.08 -1.82 8.25
C ALA A 338 6.76 -1.49 6.80
N SER A 339 5.48 -1.24 6.50
CA SER A 339 5.09 -0.91 5.12
C SER A 339 5.72 0.40 4.66
N THR A 340 5.70 1.43 5.52
CA THR A 340 6.30 2.70 5.11
C THR A 340 7.81 2.60 5.00
N ARG A 341 8.45 1.79 5.86
CA ARG A 341 9.89 1.56 5.72
C ARG A 341 10.21 0.87 4.41
N ALA A 342 9.42 -0.15 4.04
CA ALA A 342 9.65 -0.85 2.79
C ALA A 342 9.45 0.07 1.59
N ILE A 343 8.43 0.92 1.63
CA ILE A 343 8.18 1.82 0.51
C ILE A 343 9.27 2.88 0.43
N ASP A 344 9.75 3.37 1.57
CA ASP A 344 10.87 4.31 1.55
C ASP A 344 12.13 3.66 0.98
N SER A 345 12.38 2.40 1.34
CA SER A 345 13.52 1.68 0.77
C SER A 345 13.37 1.51 -0.72
N LEU A 346 12.16 1.21 -1.19
CA LEU A 346 11.92 1.10 -2.62
C LEU A 346 12.14 2.43 -3.34
N ILE A 347 11.73 3.54 -2.72
CA ILE A 347 12.00 4.86 -3.28
C ILE A 347 13.49 5.13 -3.34
N ASN A 348 14.23 4.65 -2.34
CA ASN A 348 15.68 4.82 -2.29
C ASN A 348 16.42 3.69 -3.01
N TYR A 349 15.78 3.09 -4.02
CA TYR A 349 16.40 1.99 -4.75
C TYR A 349 17.66 2.45 -5.46
N GLU A 350 17.64 3.64 -6.05
CA GLU A 350 18.83 4.14 -6.74
C GLU A 350 20.00 4.28 -5.78
N THR A 351 19.74 4.83 -4.59
CA THR A 351 20.81 5.01 -3.61
C THR A 351 21.33 3.67 -3.09
N VAL A 352 20.43 2.73 -2.79
CA VAL A 352 20.86 1.44 -2.28
C VAL A 352 21.49 0.57 -3.36
N LYS A 353 21.34 0.95 -4.63
CA LYS A 353 22.10 0.29 -5.70
C LYS A 353 23.45 0.97 -5.93
N TYR A 354 23.50 2.29 -5.80
CA TYR A 354 24.78 2.99 -5.92
C TYR A 354 25.73 2.58 -4.81
N PHE A 355 25.23 2.46 -3.59
CA PHE A 355 26.03 2.04 -2.44
C PHE A 355 25.75 0.57 -2.13
N ASN A 356 26.80 -0.16 -1.78
CA ASN A 356 26.72 -1.61 -1.58
C ASN A 356 25.99 -2.00 -0.32
N ASN A 357 25.44 -1.05 0.44
CA ASN A 357 24.75 -1.35 1.69
C ASN A 357 23.33 -1.81 1.36
N GLU A 358 23.23 -3.09 0.99
CA GLU A 358 21.94 -3.68 0.65
C GLU A 358 21.35 -4.50 1.79
N GLY A 359 22.21 -5.17 2.57
CA GLY A 359 21.73 -6.00 3.66
C GLY A 359 21.16 -5.25 4.84
N TYR A 360 21.53 -3.97 4.98
CA TYR A 360 21.00 -3.18 6.10
C TYR A 360 19.49 -3.02 6.00
N GLU A 361 18.99 -2.74 4.80
CA GLU A 361 17.55 -2.60 4.61
C GLU A 361 16.83 -3.92 4.92
N ALA A 362 17.40 -5.04 4.48
CA ALA A 362 16.82 -6.34 4.79
C ALA A 362 16.81 -6.60 6.29
N GLU A 363 17.89 -6.23 6.98
CA GLU A 363 17.93 -6.41 8.43
C GLU A 363 16.88 -5.56 9.14
N LYS A 364 16.72 -4.31 8.72
CA LYS A 364 15.70 -3.46 9.33
C LYS A 364 14.30 -3.99 9.07
N TYR A 365 14.04 -4.45 7.84
CA TYR A 365 12.74 -5.03 7.53
C TYR A 365 12.50 -6.29 8.34
N ASP A 366 13.55 -7.09 8.55
CA ASP A 366 13.42 -8.29 9.36
C ASP A 366 13.10 -7.94 10.81
N GLN A 367 13.73 -6.89 11.34
CA GLN A 367 13.43 -6.45 12.71
C GLN A 367 11.98 -5.99 12.83
N PHE A 368 11.51 -5.18 11.86
CA PHE A 368 10.12 -4.73 11.89
C PHE A 368 9.16 -5.91 11.78
N LEU A 369 9.47 -6.87 10.91
CA LEU A 369 8.63 -8.05 10.76
C LEU A 369 8.65 -8.91 12.02
N LYS A 370 9.78 -8.94 12.74
CA LYS A 370 9.83 -9.67 14.01
C LYS A 370 8.96 -8.98 15.06
N LYS A 371 8.97 -7.65 15.09
CA LYS A 371 8.07 -6.93 15.99
C LYS A 371 6.61 -7.24 15.67
N TYR A 372 6.26 -7.22 14.38
CA TYR A 372 4.90 -7.58 13.99
C TYR A 372 4.59 -9.03 14.33
N GLU A 373 5.58 -9.91 14.20
CA GLU A 373 5.43 -11.31 14.58
C GLU A 373 5.07 -11.45 16.05
N ASP A 374 5.81 -10.77 16.92
CA ASP A 374 5.51 -10.83 18.35
C ASP A 374 4.13 -10.26 18.65
N ALA A 375 3.79 -9.13 18.02
CA ALA A 375 2.49 -8.52 18.25
C ALA A 375 1.35 -9.43 17.82
N ALA A 376 1.50 -10.11 16.68
CA ALA A 376 0.45 -11.01 16.20
C ALA A 376 0.39 -12.27 17.04
N LEU A 377 1.53 -12.78 17.50
CA LEU A 377 1.54 -14.01 18.30
C LEU A 377 0.86 -13.78 19.65
N GLN A 378 1.01 -12.58 20.22
CA GLN A 378 0.33 -12.28 21.48
C GLN A 378 -1.19 -12.32 21.32
N THR A 379 -1.69 -11.89 20.15
CA THR A 379 -3.13 -11.85 19.94
C THR A 379 -3.72 -13.25 19.85
N GLN A 380 -3.03 -14.17 19.16
CA GLN A 380 -3.59 -15.49 18.90
C GLN A 380 -3.82 -16.27 20.19
N ARG A 381 -2.86 -16.22 21.12
CA ARG A 381 -3.05 -16.91 22.39
C ARG A 381 -4.22 -16.32 23.18
N SER A 382 -4.37 -14.99 23.15
CA SER A 382 -5.46 -14.35 23.86
C SER A 382 -6.81 -14.80 23.32
N LEU A 383 -6.88 -15.11 22.02
CA LEU A 383 -8.11 -15.63 21.44
C LEU A 383 -8.42 -17.03 21.99
N ALA A 384 -7.38 -17.85 22.18
CA ALA A 384 -7.58 -19.20 22.71
C ALA A 384 -8.12 -19.15 24.13
N PHE A 385 -7.65 -18.19 24.92
CA PHE A 385 -8.15 -18.04 26.30
C PHE A 385 -9.65 -17.72 26.30
N LEU A 386 -10.09 -16.86 25.39
CA LEU A 386 -11.51 -16.54 25.30
C LEU A 386 -12.34 -17.76 24.92
N ASN A 387 -11.86 -18.53 23.94
CA ASN A 387 -12.60 -19.70 23.49
C ASN A 387 -12.65 -20.78 24.58
N PHE A 388 -11.53 -20.98 25.29
CA PHE A 388 -11.54 -21.93 26.40
C PHE A 388 -12.46 -21.45 27.51
N GLY A 389 -12.43 -20.14 27.81
CA GLY A 389 -13.37 -19.60 28.77
C GLY A 389 -14.81 -19.66 28.29
N GLN A 390 -15.01 -19.62 26.96
CA GLN A 390 -16.35 -19.75 26.40
C GLN A 390 -16.96 -21.11 26.74
N SER A 391 -16.19 -22.18 26.58
CA SER A 391 -16.73 -23.53 26.79
C SER A 391 -16.84 -23.87 28.27
N ILE A 392 -15.87 -23.43 29.08
CA ILE A 392 -15.82 -23.88 30.48
C ILE A 392 -17.01 -23.33 31.26
N ILE A 393 -17.45 -22.11 30.96
CA ILE A 393 -18.60 -21.55 31.66
C ILE A 393 -19.88 -22.28 31.27
N PHE A 394 -19.99 -22.67 29.99
CA PHE A 394 -21.17 -23.43 29.56
C PHE A 394 -21.09 -24.88 30.00
N SER A 395 -19.88 -25.45 30.02
CA SER A 395 -19.73 -26.84 30.44
C SER A 395 -20.13 -27.03 31.90
N THR A 396 -19.70 -26.11 32.77
CA THR A 396 -20.10 -26.21 34.17
C THR A 396 -21.56 -25.82 34.37
N ALA A 397 -22.10 -24.96 33.49
CA ALA A 397 -23.52 -24.68 33.54
C ALA A 397 -24.35 -25.91 33.20
N LEU A 398 -23.92 -26.66 32.18
CA LEU A 398 -24.58 -27.91 31.86
C LEU A 398 -24.38 -28.94 32.97
N SER A 399 -23.18 -28.99 33.55
CA SER A 399 -22.91 -29.95 34.62
C SER A 399 -23.78 -29.67 35.84
N THR A 400 -23.86 -28.40 36.26
CA THR A 400 -24.68 -28.08 37.42
C THR A 400 -26.16 -28.21 37.14
N ALA A 401 -26.56 -28.06 35.86
CA ALA A 401 -27.95 -28.30 35.50
C ALA A 401 -28.31 -29.77 35.60
N MET A 402 -27.42 -30.64 35.12
CA MET A 402 -27.67 -32.08 35.23
C MET A 402 -27.54 -32.56 36.66
N VAL A 403 -26.62 -31.97 37.43
CA VAL A 403 -26.46 -32.36 38.83
C VAL A 403 -27.69 -31.95 39.64
N LEU A 404 -28.21 -30.75 39.41
CA LEU A 404 -29.34 -30.26 40.19
C LEU A 404 -30.58 -31.12 39.96
N CYS A 405 -30.86 -31.45 38.69
CA CYS A 405 -32.04 -32.26 38.39
C CYS A 405 -31.85 -33.71 38.85
N SER A 406 -30.64 -34.24 38.74
CA SER A 406 -30.38 -35.60 39.22
C SER A 406 -30.47 -35.67 40.74
N GLN A 407 -30.22 -34.56 41.43
CA GLN A 407 -30.38 -34.52 42.88
C GLN A 407 -31.83 -34.67 43.29
N GLY A 408 -32.77 -34.38 42.39
CA GLY A 408 -34.18 -34.47 42.70
C GLY A 408 -34.89 -35.61 41.99
N ILE A 409 -34.22 -36.77 41.92
CA ILE A 409 -34.84 -37.94 41.30
C ILE A 409 -36.08 -38.36 42.07
N MET A 410 -36.01 -38.32 43.40
CA MET A 410 -37.15 -38.59 44.27
C MET A 410 -37.53 -37.32 45.02
N ASN A 411 -38.81 -37.24 45.42
CA ASN A 411 -39.36 -36.07 46.09
C ASN A 411 -39.15 -34.81 45.25
N GLY A 412 -39.36 -34.93 43.95
CA GLY A 412 -39.18 -33.81 43.04
C GLY A 412 -39.51 -34.15 41.60
N GLN A 413 -38.66 -33.73 40.67
CA GLN A 413 -38.87 -34.00 39.26
C GLN A 413 -38.61 -35.47 38.98
N MET A 414 -39.66 -36.23 38.68
CA MET A 414 -39.57 -37.67 38.49
C MET A 414 -39.77 -38.11 37.05
N THR A 415 -40.14 -37.21 36.14
CA THR A 415 -40.42 -37.57 34.76
C THR A 415 -39.14 -37.46 33.94
N VAL A 416 -38.72 -38.58 33.35
CA VAL A 416 -37.51 -38.58 32.52
C VAL A 416 -37.71 -37.81 31.23
N GLY A 417 -38.96 -37.54 30.84
CA GLY A 417 -39.20 -36.71 29.66
C GLY A 417 -38.69 -35.30 29.82
N ASP A 418 -38.74 -34.77 31.04
CA ASP A 418 -38.20 -33.43 31.28
C ASP A 418 -36.68 -33.43 31.28
N LEU A 419 -36.05 -34.58 31.53
CA LEU A 419 -34.59 -34.65 31.52
C LEU A 419 -34.02 -34.33 30.14
N VAL A 420 -34.66 -34.84 29.08
CA VAL A 420 -34.19 -34.53 27.73
C VAL A 420 -34.66 -33.14 27.32
N MET A 421 -35.76 -32.65 27.90
CA MET A 421 -36.26 -31.33 27.54
C MET A 421 -35.29 -30.24 27.98
N VAL A 422 -34.75 -30.34 29.20
CA VAL A 422 -33.82 -29.33 29.69
C VAL A 422 -32.51 -29.36 28.90
N ASN A 423 -32.08 -30.55 28.49
CA ASN A 423 -30.86 -30.67 27.69
C ASN A 423 -31.06 -30.03 26.32
N GLY A 424 -32.18 -30.32 25.67
CA GLY A 424 -32.44 -29.74 24.36
C GLY A 424 -32.65 -28.24 24.41
N LEU A 425 -33.37 -27.76 25.44
CA LEU A 425 -33.61 -26.33 25.58
C LEU A 425 -32.32 -25.56 25.85
N LEU A 426 -31.42 -26.14 26.66
CA LEU A 426 -30.16 -25.47 26.94
C LEU A 426 -29.31 -25.33 25.68
N PHE A 427 -29.28 -26.37 24.85
CA PHE A 427 -28.60 -26.26 23.56
C PHE A 427 -29.27 -25.22 22.67
N GLN A 428 -30.60 -25.17 22.68
CA GLN A 428 -31.31 -24.16 21.89
C GLN A 428 -31.03 -22.75 22.38
N LEU A 429 -30.69 -22.60 23.67
CA LEU A 429 -30.21 -21.32 24.17
C LEU A 429 -28.74 -21.08 23.80
N SER A 430 -27.96 -22.15 23.66
CA SER A 430 -26.51 -22.01 23.49
C SER A 430 -26.16 -21.46 22.11
N LEU A 431 -26.80 -21.97 21.06
CA LEU A 431 -26.41 -21.59 19.69
C LEU A 431 -26.62 -20.11 19.41
N PRO A 432 -27.79 -19.51 19.67
CA PRO A 432 -27.91 -18.05 19.49
C PRO A 432 -27.01 -17.25 20.43
N LEU A 433 -26.79 -17.74 21.64
CA LEU A 433 -25.93 -17.04 22.58
C LEU A 433 -24.49 -17.00 22.09
N ASN A 434 -24.01 -18.12 21.53
CA ASN A 434 -22.66 -18.16 20.97
C ASN A 434 -22.55 -17.22 19.77
N PHE A 435 -23.61 -17.13 18.96
CA PHE A 435 -23.61 -16.23 17.81
C PHE A 435 -23.49 -14.77 18.27
N LEU A 436 -24.18 -14.42 19.36
CA LEU A 436 -24.09 -13.06 19.89
C LEU A 436 -22.68 -12.74 20.36
N GLY A 437 -22.01 -13.70 20.99
CA GLY A 437 -20.64 -13.46 21.44
C GLY A 437 -19.68 -13.21 20.29
N SER A 438 -19.84 -13.95 19.20
CA SER A 438 -18.99 -13.74 18.04
C SER A 438 -19.25 -12.38 17.40
N VAL A 439 -20.52 -11.96 17.35
CA VAL A 439 -20.87 -10.69 16.72
C VAL A 439 -20.21 -9.53 17.46
N TYR A 440 -20.31 -9.51 18.80
CA TYR A 440 -19.71 -8.44 19.56
C TYR A 440 -18.19 -8.44 19.43
N ARG A 441 -17.58 -9.63 19.47
CA ARG A 441 -16.13 -9.73 19.34
C ARG A 441 -15.67 -9.18 17.99
N GLU A 442 -16.37 -9.55 16.92
CA GLU A 442 -16.00 -9.07 15.59
C GLU A 442 -16.26 -7.57 15.45
N THR A 443 -17.34 -7.08 16.06
CA THR A 443 -17.66 -5.66 15.96
C THR A 443 -16.62 -4.80 16.67
N ILE A 444 -16.28 -5.16 17.91
CA ILE A 444 -15.26 -4.42 18.64
C ILE A 444 -13.88 -4.62 17.99
N GLN A 445 -13.69 -5.77 17.35
CA GLN A 445 -12.44 -6.03 16.65
C GLN A 445 -12.32 -5.15 15.41
N SER A 446 -13.40 -5.05 14.63
CA SER A 446 -13.38 -4.28 13.40
C SER A 446 -13.45 -2.78 13.66
N LEU A 447 -14.02 -2.37 14.79
CA LEU A 447 -14.14 -0.95 15.10
C LEU A 447 -12.80 -0.32 15.44
N VAL A 448 -11.84 -1.11 15.94
CA VAL A 448 -10.51 -0.58 16.23
C VAL A 448 -9.82 -0.14 14.95
N ASP A 449 -9.91 -0.95 13.89
CA ASP A 449 -9.32 -0.58 12.61
C ASP A 449 -9.98 0.66 12.02
N MET A 450 -11.25 0.90 12.35
CA MET A 450 -11.98 2.03 11.82
C MET A 450 -11.48 3.37 12.36
N LYS A 451 -10.94 3.39 13.57
CA LYS A 451 -10.48 4.65 14.16
C LYS A 451 -9.33 5.26 13.37
N SER A 452 -8.68 4.48 12.51
CA SER A 452 -7.52 4.98 11.79
C SER A 452 -7.91 6.03 10.75
N MET A 453 -8.92 5.75 9.92
CA MET A 453 -9.36 6.74 8.94
C MET A 453 -9.98 7.95 9.63
N PHE A 454 -10.92 7.72 10.53
CA PHE A 454 -11.76 8.81 11.01
C PHE A 454 -10.97 9.81 11.85
N GLN A 455 -9.85 9.38 12.44
CA GLN A 455 -8.91 10.34 13.00
C GLN A 455 -8.29 11.20 11.92
N LEU A 456 -7.94 10.60 10.78
CA LEU A 456 -7.42 11.37 9.65
C LEU A 456 -8.50 12.29 9.06
N LEU A 457 -9.75 11.83 9.04
CA LEU A 457 -10.83 12.65 8.51
C LEU A 457 -11.10 13.86 9.39
N GLU A 458 -10.88 13.75 10.71
CA GLU A 458 -11.07 14.90 11.59
C GLU A 458 -9.97 15.94 11.42
N GLU A 459 -8.89 15.62 10.71
CA GLU A 459 -7.83 16.58 10.48
C GLU A 459 -8.34 17.74 9.63
N LYS A 460 -7.94 18.95 9.99
CA LYS A 460 -8.39 20.17 9.33
C LYS A 460 -7.18 20.99 8.91
N SER A 461 -7.29 21.65 7.76
CA SER A 461 -6.20 22.47 7.25
C SER A 461 -6.00 23.70 8.13
N ASP A 462 -4.74 24.02 8.40
CA ASP A 462 -4.43 25.21 9.20
C ASP A 462 -4.83 26.48 8.47
N ILE A 463 -4.59 26.53 7.16
CA ILE A 463 -4.92 27.70 6.36
C ILE A 463 -6.36 27.57 5.87
N THR A 464 -7.17 28.58 6.15
CA THR A 464 -8.57 28.59 5.74
C THR A 464 -8.92 29.95 5.16
N ASN A 465 -9.91 29.97 4.27
CA ASN A 465 -10.33 31.20 3.64
C ASN A 465 -11.10 32.08 4.62
N THR A 466 -11.08 33.38 4.36
CA THR A 466 -11.83 34.32 5.17
C THR A 466 -13.33 34.08 4.99
N SER A 467 -14.10 34.44 6.02
CA SER A 467 -15.55 34.23 5.97
C SER A 467 -16.16 34.99 4.80
N ASP A 468 -15.73 36.22 4.58
CA ASP A 468 -16.12 37.01 3.42
C ASP A 468 -14.91 37.14 2.50
N ALA A 469 -15.06 36.68 1.26
CA ALA A 469 -13.98 36.67 0.28
C ALA A 469 -14.38 37.46 -0.95
N LYS A 470 -13.45 38.27 -1.44
CA LYS A 470 -13.66 39.07 -2.65
C LYS A 470 -12.90 38.45 -3.81
N PRO A 471 -13.53 38.31 -4.98
CA PRO A 471 -12.80 37.79 -6.14
C PRO A 471 -11.65 38.71 -6.52
N LEU A 472 -10.55 38.10 -6.96
CA LEU A 472 -9.35 38.86 -7.30
C LEU A 472 -9.52 39.52 -8.66
N VAL A 473 -9.45 40.85 -8.69
CA VAL A 473 -9.55 41.63 -9.92
C VAL A 473 -8.30 42.50 -10.00
N LEU A 474 -7.54 42.38 -11.08
CA LEU A 474 -6.32 43.14 -11.26
C LEU A 474 -6.18 43.56 -12.71
N LYS A 475 -5.76 44.81 -12.92
CA LYS A 475 -5.43 45.31 -14.24
C LYS A 475 -3.93 45.36 -14.49
N GLY A 476 -3.13 44.96 -13.50
CA GLY A 476 -1.69 44.95 -13.65
C GLY A 476 -1.05 44.21 -12.50
N GLY A 477 0.16 43.73 -12.74
CA GLY A 477 0.87 42.96 -11.73
C GLY A 477 1.82 43.78 -10.87
N ASN A 478 1.34 44.18 -9.69
CA ASN A 478 2.15 44.92 -8.73
C ASN A 478 2.22 44.13 -7.43
N ILE A 479 3.43 43.91 -6.94
CA ILE A 479 3.67 43.15 -5.73
C ILE A 479 4.43 44.03 -4.75
N GLU A 480 3.93 44.12 -3.52
CA GLU A 480 4.53 44.95 -2.48
C GLU A 480 4.70 44.14 -1.21
N PHE A 481 5.87 44.27 -0.58
CA PHE A 481 6.19 43.61 0.67
C PHE A 481 6.48 44.67 1.72
N GLU A 482 5.88 44.51 2.91
CA GLU A 482 6.02 45.48 4.01
C GLU A 482 6.43 44.74 5.27
N ASN A 483 7.75 44.60 5.46
CA ASN A 483 8.32 44.04 6.70
C ASN A 483 7.74 42.65 7.00
N VAL A 484 7.90 41.73 6.05
CA VAL A 484 7.40 40.38 6.24
C VAL A 484 8.35 39.61 7.16
N HIS A 485 7.79 38.92 8.14
CA HIS A 485 8.54 38.06 9.05
C HIS A 485 7.86 36.70 9.08
N PHE A 486 8.63 35.64 8.82
CA PHE A 486 8.09 34.30 8.73
C PHE A 486 9.15 33.30 9.19
N SER A 487 8.69 32.22 9.84
CA SER A 487 9.57 31.20 10.37
C SER A 487 8.88 29.85 10.29
N TYR A 488 9.60 28.84 9.79
CA TYR A 488 9.06 27.48 9.79
C TYR A 488 8.86 26.97 11.21
N LEU A 489 9.81 27.26 12.09
CA LEU A 489 9.75 26.85 13.50
C LEU A 489 10.00 28.06 14.39
N PRO A 490 9.44 28.07 15.60
CA PRO A 490 9.64 29.22 16.48
C PRO A 490 11.09 29.43 16.90
N GLU A 491 11.94 28.41 16.81
CA GLU A 491 13.32 28.55 17.27
C GLU A 491 14.14 29.41 16.32
N ARG A 492 14.01 29.19 15.02
CA ARG A 492 14.82 29.88 14.03
C ARG A 492 13.93 30.76 13.16
N LYS A 493 14.36 32.00 12.93
CA LYS A 493 13.66 32.93 12.06
C LYS A 493 14.41 33.02 10.73
N ILE A 494 13.73 32.69 9.64
CA ILE A 494 14.38 32.67 8.33
C ILE A 494 14.30 34.03 7.66
N LEU A 495 13.12 34.65 7.68
CA LEU A 495 12.89 35.93 7.02
C LEU A 495 12.75 37.02 8.06
N ASP A 496 13.47 38.13 7.86
CA ASP A 496 13.47 39.23 8.82
C ASP A 496 13.59 40.54 8.06
N GLY A 497 12.52 41.33 8.08
CA GLY A 497 12.56 42.68 7.53
C GLY A 497 12.83 42.77 6.04
N ILE A 498 12.15 41.94 5.25
CA ILE A 498 12.30 41.97 3.79
C ILE A 498 11.19 42.84 3.22
N SER A 499 11.57 43.87 2.47
CA SER A 499 10.62 44.78 1.85
C SER A 499 11.10 45.11 0.44
N PHE A 500 10.27 44.81 -0.55
CA PHE A 500 10.60 45.09 -1.94
C PHE A 500 9.31 45.29 -2.72
N VAL A 501 9.43 45.98 -3.86
CA VAL A 501 8.30 46.30 -4.71
C VAL A 501 8.60 45.81 -6.12
N VAL A 502 7.60 45.24 -6.78
CA VAL A 502 7.71 44.73 -8.14
C VAL A 502 6.84 45.60 -9.04
N PRO A 503 7.43 46.49 -9.85
CA PRO A 503 6.62 47.33 -10.74
C PRO A 503 5.92 46.50 -11.81
N ALA A 504 4.78 47.04 -12.25
CA ALA A 504 3.99 46.36 -13.28
C ALA A 504 4.73 46.33 -14.60
N GLY A 505 4.67 45.19 -15.28
CA GLY A 505 5.34 45.03 -16.55
C GLY A 505 6.85 44.99 -16.47
N LYS A 506 7.40 44.69 -15.29
CA LYS A 506 8.84 44.64 -15.09
C LYS A 506 9.22 43.32 -14.45
N SER A 507 10.48 42.94 -14.64
CA SER A 507 11.02 41.69 -14.12
C SER A 507 12.07 41.99 -13.06
N VAL A 508 12.00 41.29 -11.94
CA VAL A 508 12.95 41.43 -10.84
C VAL A 508 13.58 40.08 -10.56
N ALA A 509 14.89 40.07 -10.37
CA ALA A 509 15.64 38.86 -10.11
C ALA A 509 16.37 38.98 -8.77
N ILE A 510 16.28 37.94 -7.96
CA ILE A 510 16.93 37.91 -6.65
C ILE A 510 17.99 36.82 -6.68
N VAL A 511 19.16 37.12 -6.12
CA VAL A 511 20.27 36.18 -6.04
C VAL A 511 20.87 36.26 -4.63
N GLY A 512 21.60 35.21 -4.27
CA GLY A 512 22.24 35.19 -2.97
C GLY A 512 22.72 33.79 -2.63
N THR A 513 23.15 33.64 -1.38
CA THR A 513 23.61 32.35 -0.88
C THR A 513 22.47 31.35 -0.86
N SER A 514 22.79 30.08 -1.13
CA SER A 514 21.77 29.03 -1.17
C SER A 514 21.04 28.91 0.15
N GLY A 515 21.71 29.18 1.27
CA GLY A 515 21.09 29.10 2.58
C GLY A 515 20.30 30.33 2.98
N SER A 516 20.22 31.34 2.14
CA SER A 516 19.52 32.58 2.48
C SER A 516 18.01 32.44 2.41
N GLY A 517 17.49 31.31 1.93
CA GLY A 517 16.05 31.12 1.83
C GLY A 517 15.36 32.01 0.84
N LYS A 518 15.93 32.18 -0.36
CA LYS A 518 15.29 33.01 -1.37
C LYS A 518 14.01 32.38 -1.89
N SER A 519 13.99 31.05 -2.01
CA SER A 519 12.81 30.36 -2.53
C SER A 519 11.65 30.34 -1.54
N THR A 520 11.89 30.67 -0.26
CA THR A 520 10.80 30.71 0.70
C THR A 520 9.80 31.81 0.37
N ILE A 521 10.27 32.91 -0.21
CA ILE A 521 9.36 33.98 -0.61
C ILE A 521 8.40 33.49 -1.69
N LEU A 522 8.91 32.77 -2.69
CA LEU A 522 8.06 32.26 -3.75
C LEU A 522 7.01 31.28 -3.20
N ARG A 523 7.43 30.41 -2.28
CA ARG A 523 6.48 29.51 -1.65
C ARG A 523 5.47 30.28 -0.79
N MET A 524 5.94 31.30 -0.08
CA MET A 524 5.04 32.09 0.76
C MET A 524 4.10 32.95 -0.08
N LEU A 525 4.57 33.44 -1.23
CA LEU A 525 3.72 34.26 -2.09
C LEU A 525 2.53 33.46 -2.61
N PHE A 526 2.73 32.18 -2.88
CA PHE A 526 1.65 31.28 -3.28
C PHE A 526 0.73 30.93 -2.12
N ARG A 527 1.01 31.45 -0.92
CA ARG A 527 0.18 31.24 0.27
C ARG A 527 0.15 29.77 0.69
N PHE A 528 1.24 29.06 0.45
CA PHE A 528 1.40 27.73 1.06
C PHE A 528 1.49 27.85 2.58
N PHE A 529 2.21 28.84 3.07
CA PHE A 529 2.30 29.14 4.49
C PHE A 529 1.95 30.60 4.71
N ASP A 530 1.06 30.87 5.67
CA ASP A 530 0.60 32.22 5.91
C ASP A 530 1.68 33.05 6.61
N THR A 531 1.62 34.36 6.39
CA THR A 531 2.56 35.27 7.03
C THR A 531 2.25 35.42 8.50
N ASP A 532 3.26 35.80 9.28
CA ASP A 532 3.12 35.99 10.72
C ASP A 532 2.82 37.43 11.09
N SER A 533 3.72 38.35 10.74
CA SER A 533 3.57 39.76 11.09
C SER A 533 4.01 40.65 9.92
N GLY A 534 3.59 40.29 8.70
CA GLY A 534 3.95 41.05 7.53
C GLY A 534 2.73 41.32 6.66
N ASN A 535 2.88 42.33 5.81
CA ASN A 535 1.84 42.74 4.88
C ASN A 535 2.29 42.43 3.45
N ILE A 536 1.49 41.65 2.74
CA ILE A 536 1.75 41.31 1.34
C ILE A 536 0.57 41.79 0.51
N ARG A 537 0.86 42.52 -0.57
CA ARG A 537 -0.15 43.21 -1.34
C ARG A 537 0.03 42.92 -2.82
N ILE A 538 -1.09 42.73 -3.52
CA ILE A 538 -1.09 42.56 -4.97
C ILE A 538 -2.08 43.56 -5.57
N ASP A 539 -1.56 44.45 -6.42
CA ASP A 539 -2.37 45.48 -7.08
C ASP A 539 -3.23 46.26 -6.08
N GLY A 540 -2.62 46.61 -4.95
CA GLY A 540 -3.33 47.32 -3.91
C GLY A 540 -4.45 46.54 -3.26
N GLN A 541 -4.29 45.23 -3.11
CA GLN A 541 -5.29 44.38 -2.48
C GLN A 541 -4.60 43.44 -1.49
N ASP A 542 -5.35 43.05 -0.47
CA ASP A 542 -4.83 42.15 0.56
C ASP A 542 -4.91 40.71 0.07
N ILE A 543 -3.75 40.04 0.02
CA ILE A 543 -3.72 38.66 -0.47
C ILE A 543 -4.49 37.73 0.47
N LYS A 544 -4.35 37.93 1.78
CA LYS A 544 -5.08 37.11 2.74
C LYS A 544 -6.58 37.29 2.59
N GLU A 545 -7.03 38.53 2.38
CA GLU A 545 -8.46 38.78 2.17
C GLU A 545 -8.93 38.16 0.85
N VAL A 546 -8.10 38.23 -0.18
CA VAL A 546 -8.48 37.68 -1.48
C VAL A 546 -8.66 36.16 -1.37
N ARG A 547 -9.70 35.67 -2.03
CA ARG A 547 -10.03 34.25 -1.96
C ARG A 547 -8.89 33.40 -2.52
N LEU A 548 -8.68 32.24 -1.88
CA LEU A 548 -7.59 31.35 -2.27
C LEU A 548 -7.76 30.82 -3.69
N ASP A 549 -9.00 30.50 -4.07
CA ASP A 549 -9.25 29.99 -5.41
C ASP A 549 -8.89 31.01 -6.48
N SER A 550 -9.23 32.28 -6.24
CA SER A 550 -8.86 33.33 -7.18
C SER A 550 -7.36 33.59 -7.15
N LEU A 551 -6.75 33.53 -5.97
CA LEU A 551 -5.32 33.80 -5.86
C LEU A 551 -4.48 32.76 -6.58
N ARG A 552 -4.82 31.48 -6.42
CA ARG A 552 -4.02 30.39 -6.96
C ARG A 552 -4.30 30.11 -8.43
N SER A 553 -5.00 31.01 -9.12
CA SER A 553 -5.26 30.87 -10.55
C SER A 553 -4.70 32.00 -11.40
N SER A 554 -4.46 33.18 -10.83
CA SER A 554 -3.93 34.29 -11.61
C SER A 554 -2.44 34.14 -11.91
N ILE A 555 -1.70 33.48 -11.03
CA ILE A 555 -0.25 33.36 -11.16
C ILE A 555 0.11 31.90 -11.41
N GLY A 556 1.26 31.71 -12.04
CA GLY A 556 1.79 30.38 -12.30
C GLY A 556 3.24 30.30 -11.92
N VAL A 557 3.65 29.13 -11.43
CA VAL A 557 4.99 28.92 -10.91
C VAL A 557 5.57 27.65 -11.49
N VAL A 558 6.87 27.68 -11.79
CA VAL A 558 7.61 26.52 -12.26
C VAL A 558 8.32 25.90 -11.05
N PRO A 559 8.06 24.64 -10.72
CA PRO A 559 8.65 24.05 -9.52
C PRO A 559 10.17 23.95 -9.63
N GLN A 560 10.83 24.07 -8.48
CA GLN A 560 12.28 23.92 -8.43
C GLN A 560 12.70 22.51 -8.84
N ASP A 561 11.97 21.50 -8.34
CA ASP A 561 12.18 20.11 -8.74
C ASP A 561 10.96 19.65 -9.53
N THR A 562 11.20 19.14 -10.73
CA THR A 562 10.13 18.77 -11.64
C THR A 562 9.63 17.36 -11.34
N VAL A 563 8.32 17.23 -11.15
CA VAL A 563 7.67 15.94 -10.94
C VAL A 563 6.63 15.76 -12.03
N LEU A 564 6.66 14.60 -12.70
CA LEU A 564 5.77 14.32 -13.82
C LEU A 564 4.90 13.12 -13.51
N PHE A 565 3.69 13.14 -14.06
CA PHE A 565 2.78 12.02 -13.91
C PHE A 565 3.30 10.79 -14.64
N ASN A 566 2.90 9.61 -14.16
CA ASN A 566 3.23 8.34 -14.81
C ASN A 566 2.22 8.10 -15.94
N ASP A 567 2.28 8.97 -16.93
CA ASP A 567 1.35 8.96 -18.05
C ASP A 567 2.09 9.46 -19.29
N THR A 568 1.37 9.60 -20.40
CA THR A 568 1.99 10.03 -21.65
C THR A 568 2.48 11.47 -21.54
N ILE A 569 3.54 11.77 -22.30
CA ILE A 569 4.09 13.12 -22.31
C ILE A 569 3.09 14.11 -22.88
N PHE A 570 2.22 13.66 -23.80
CA PHE A 570 1.16 14.53 -24.29
C PHE A 570 0.20 14.93 -23.18
N HIS A 571 -0.17 13.97 -22.34
CA HIS A 571 -1.02 14.28 -21.19
C HIS A 571 -0.30 15.20 -20.21
N ASN A 572 1.00 14.94 -19.99
CA ASN A 572 1.76 15.79 -19.08
C ASN A 572 1.82 17.23 -19.56
N ILE A 573 2.02 17.43 -20.87
CA ILE A 573 2.08 18.79 -21.40
C ILE A 573 0.69 19.42 -21.56
N HIS A 574 -0.36 18.60 -21.66
CA HIS A 574 -1.71 19.11 -21.75
C HIS A 574 -2.35 19.36 -20.39
N TYR A 575 -1.73 18.89 -19.31
CA TYR A 575 -2.25 19.14 -17.98
C TYR A 575 -2.30 20.62 -17.63
N GLY A 576 -1.56 21.46 -18.34
CA GLY A 576 -1.58 22.89 -18.04
C GLY A 576 -2.95 23.51 -18.20
N ARG A 577 -3.66 23.16 -19.27
CA ARG A 577 -5.00 23.67 -19.52
C ARG A 577 -5.77 22.64 -20.35
N LEU A 578 -6.78 22.02 -19.74
CA LEU A 578 -7.56 21.00 -20.43
C LEU A 578 -8.37 21.58 -21.59
N SER A 579 -8.66 22.88 -21.58
CA SER A 579 -9.41 23.50 -22.66
C SER A 579 -8.57 23.73 -23.91
N ALA A 580 -7.25 23.56 -23.83
CA ALA A 580 -6.39 23.75 -24.98
C ALA A 580 -6.59 22.64 -26.00
N THR A 581 -6.40 22.98 -27.27
CA THR A 581 -6.53 22.04 -28.36
C THR A 581 -5.15 21.49 -28.74
N GLU A 582 -5.14 20.66 -29.80
CA GLU A 582 -3.88 20.07 -30.24
C GLU A 582 -2.93 21.11 -30.81
N GLU A 583 -3.47 22.12 -31.52
CA GLU A 583 -2.63 23.14 -32.11
C GLU A 583 -1.90 23.96 -31.04
N GLU A 584 -2.60 24.29 -29.95
CA GLU A 584 -1.97 25.04 -28.87
C GLU A 584 -0.85 24.26 -28.22
N VAL A 585 -1.04 22.94 -28.05
CA VAL A 585 0.00 22.10 -27.45
C VAL A 585 1.23 22.06 -28.34
N TYR A 586 1.02 21.86 -29.65
CA TYR A 586 2.15 21.73 -30.57
C TYR A 586 2.97 23.02 -30.64
N GLU A 587 2.30 24.17 -30.71
CA GLU A 587 3.03 25.44 -30.79
C GLU A 587 3.74 25.76 -29.47
N ALA A 588 3.21 25.28 -28.35
CA ALA A 588 3.87 25.50 -27.07
C ALA A 588 5.20 24.77 -26.99
N ALA A 589 5.25 23.55 -27.54
CA ALA A 589 6.48 22.77 -27.51
C ALA A 589 7.58 23.42 -28.35
N ARG A 590 7.20 24.10 -29.44
CA ARG A 590 8.20 24.75 -30.28
C ARG A 590 8.93 25.85 -29.52
N ARG A 591 8.20 26.63 -28.72
CA ARG A 591 8.84 27.69 -27.95
C ARG A 591 9.59 27.13 -26.75
N ALA A 592 9.36 25.87 -26.40
CA ALA A 592 10.09 25.19 -25.34
C ALA A 592 11.31 24.44 -25.85
N ALA A 593 11.59 24.50 -27.15
CA ALA A 593 12.75 23.83 -27.76
C ALA A 593 12.76 22.33 -27.46
N ILE A 594 11.58 21.71 -27.53
CA ILE A 594 11.45 20.29 -27.28
C ILE A 594 10.75 19.54 -28.41
N HIS A 595 10.04 20.23 -29.30
CA HIS A 595 9.30 19.55 -30.37
C HIS A 595 10.24 18.80 -31.30
N GLU A 596 11.40 19.39 -31.62
CA GLU A 596 12.35 18.72 -32.50
C GLU A 596 12.87 17.44 -31.87
N THR A 597 13.18 17.47 -30.56
CA THR A 597 13.63 16.27 -29.88
C THR A 597 12.54 15.21 -29.80
N ILE A 598 11.29 15.64 -29.57
CA ILE A 598 10.18 14.70 -29.48
C ILE A 598 9.92 14.04 -30.83
N SER A 599 10.09 14.79 -31.92
CA SER A 599 9.82 14.24 -33.24
C SER A 599 10.71 13.05 -33.57
N ASN A 600 11.93 13.02 -33.03
CA ASN A 600 12.86 11.93 -33.28
C ASN A 600 12.65 10.73 -32.37
N PHE A 601 11.71 10.81 -31.43
CA PHE A 601 11.46 9.69 -30.53
C PHE A 601 10.81 8.53 -31.29
N PRO A 602 11.00 7.30 -30.82
CA PRO A 602 10.32 6.16 -31.47
C PRO A 602 8.81 6.27 -31.44
N ASP A 603 8.25 6.86 -30.39
CA ASP A 603 6.80 7.09 -30.27
C ASP A 603 6.60 8.59 -30.09
N LYS A 604 6.28 9.28 -31.18
CA LYS A 604 6.11 10.73 -31.15
C LYS A 604 4.88 11.10 -30.32
N TYR A 605 5.09 11.90 -29.28
CA TYR A 605 4.03 12.36 -28.38
C TYR A 605 3.26 11.22 -27.75
N SER A 606 3.87 10.03 -27.65
CA SER A 606 3.21 8.88 -27.06
C SER A 606 4.11 8.06 -26.15
N THR A 607 5.36 8.48 -25.93
CA THR A 607 6.25 7.74 -25.03
C THR A 607 5.73 7.83 -23.59
N ILE A 608 5.89 6.73 -22.86
CA ILE A 608 5.39 6.64 -21.49
C ILE A 608 6.48 7.11 -20.55
N VAL A 609 6.24 8.24 -19.89
CA VAL A 609 7.19 8.75 -18.90
C VAL A 609 7.09 7.88 -17.65
N GLY A 610 8.25 7.49 -17.11
CA GLY A 610 8.29 6.58 -15.99
C GLY A 610 7.83 7.23 -14.70
N GLU A 611 7.94 6.46 -13.62
CA GLU A 611 7.52 6.93 -12.31
C GLU A 611 8.34 8.15 -11.90
N ARG A 612 7.65 9.21 -11.48
CA ARG A 612 8.26 10.47 -11.07
C ARG A 612 9.15 11.06 -12.15
N GLY A 613 8.87 10.74 -13.41
CA GLY A 613 9.64 11.28 -14.52
C GLY A 613 11.09 10.86 -14.57
N LEU A 614 11.40 9.63 -14.14
CA LEU A 614 12.78 9.16 -14.18
C LEU A 614 13.19 8.75 -15.59
N LYS A 615 12.24 8.31 -16.41
CA LYS A 615 12.57 7.80 -17.74
C LYS A 615 13.18 8.90 -18.62
N LEU A 616 12.58 10.08 -18.60
CA LEU A 616 13.10 11.18 -19.41
C LEU A 616 14.37 11.74 -18.81
N SER A 617 15.17 12.40 -19.66
CA SER A 617 16.40 13.01 -19.21
C SER A 617 16.10 14.23 -18.33
N GLY A 618 17.12 14.69 -17.61
CA GLY A 618 16.95 15.85 -16.75
C GLY A 618 16.57 17.10 -17.52
N GLY A 619 17.29 17.37 -18.61
CA GLY A 619 17.00 18.54 -19.41
C GLY A 619 15.62 18.51 -20.05
N GLU A 620 15.26 17.37 -20.64
CA GLU A 620 13.94 17.26 -21.26
C GLU A 620 12.82 17.32 -20.23
N LYS A 621 13.06 16.75 -19.04
CA LYS A 621 12.09 16.88 -17.96
C LYS A 621 11.93 18.35 -17.54
N GLN A 622 13.04 19.08 -17.50
CA GLN A 622 12.96 20.51 -17.19
C GLN A 622 12.18 21.27 -18.25
N ARG A 623 12.39 20.91 -19.53
CA ARG A 623 11.68 21.60 -20.61
C ARG A 623 10.19 21.32 -20.57
N VAL A 624 9.79 20.11 -20.16
CA VAL A 624 8.37 19.76 -20.12
C VAL A 624 7.63 20.64 -19.11
N ALA A 625 8.23 20.85 -17.94
CA ALA A 625 7.59 21.67 -16.92
C ALA A 625 7.40 23.10 -17.40
N LEU A 626 8.39 23.64 -18.11
CA LEU A 626 8.27 25.00 -18.63
C LEU A 626 7.15 25.09 -19.66
N ALA A 627 6.98 24.04 -20.47
CA ALA A 627 5.92 24.04 -21.47
C ALA A 627 4.54 24.07 -20.83
N ARG A 628 4.38 23.44 -19.66
CA ARG A 628 3.09 23.50 -18.96
C ARG A 628 2.75 24.93 -18.56
N THR A 629 3.72 25.66 -18.03
CA THR A 629 3.50 27.06 -17.67
C THR A 629 3.25 27.91 -18.91
N PHE A 630 3.97 27.61 -20.00
CA PHE A 630 3.74 28.32 -21.25
C PHE A 630 2.31 28.14 -21.74
N LEU A 631 1.81 26.91 -21.69
CA LEU A 631 0.43 26.65 -22.11
C LEU A 631 -0.57 27.30 -21.17
N LYS A 632 -0.29 27.30 -19.86
CA LYS A 632 -1.18 27.93 -18.90
C LYS A 632 -1.27 29.44 -19.14
N SER A 633 -0.13 30.08 -19.42
CA SER A 633 -0.06 31.52 -19.68
C SER A 633 -0.68 32.31 -18.54
N PRO A 634 -0.06 32.34 -17.36
CA PRO A 634 -0.63 33.08 -16.23
C PRO A 634 -0.33 34.56 -16.32
N ALA A 635 -0.97 35.32 -15.44
CA ALA A 635 -0.76 36.76 -15.39
C ALA A 635 0.60 37.12 -14.81
N ILE A 636 1.09 36.35 -13.84
CA ILE A 636 2.39 36.58 -13.23
C ILE A 636 3.21 35.30 -13.35
N LEU A 637 4.44 35.45 -13.84
CA LEU A 637 5.34 34.32 -14.05
C LEU A 637 6.34 34.24 -12.91
N LEU A 638 6.51 33.03 -12.36
CA LEU A 638 7.44 32.79 -11.25
C LEU A 638 8.22 31.52 -11.56
N CYS A 639 9.43 31.66 -12.08
CA CYS A 639 10.28 30.52 -12.37
C CYS A 639 11.27 30.31 -11.24
N ASP A 640 11.43 29.06 -10.83
CA ASP A 640 12.33 28.69 -9.74
C ASP A 640 13.35 27.71 -10.28
N GLU A 641 14.60 28.17 -10.43
CA GLU A 641 15.70 27.34 -10.94
C GLU A 641 15.33 26.75 -12.31
N ALA A 642 15.04 27.65 -13.26
CA ALA A 642 14.55 27.22 -14.57
C ALA A 642 15.66 26.58 -15.39
N THR A 643 16.73 27.31 -15.66
CA THR A 643 17.82 26.83 -16.51
C THR A 643 18.94 26.22 -15.66
N SER A 644 18.60 25.14 -14.97
CA SER A 644 19.60 24.44 -14.15
C SER A 644 20.24 23.29 -14.92
N ALA A 645 19.44 22.31 -15.34
CA ALA A 645 19.93 21.18 -16.13
C ALA A 645 19.74 21.42 -17.62
N LEU A 646 20.23 22.56 -18.12
CA LEU A 646 20.08 22.93 -19.53
C LEU A 646 21.42 23.41 -20.06
N ASP A 647 21.76 22.97 -21.27
CA ASP A 647 22.99 23.40 -21.90
C ASP A 647 22.91 24.88 -22.29
N SER A 648 24.07 25.50 -22.48
CA SER A 648 24.13 26.94 -22.67
C SER A 648 23.42 27.37 -23.96
N THR A 649 23.58 26.59 -25.04
CA THR A 649 23.09 27.03 -26.34
C THR A 649 21.56 27.10 -26.38
N THR A 650 20.88 26.21 -25.65
CA THR A 650 19.42 26.22 -25.65
C THR A 650 18.89 27.32 -24.75
N GLU A 651 19.65 27.70 -23.71
CA GLU A 651 19.16 28.70 -22.76
C GLU A 651 19.00 30.06 -23.42
N ALA A 652 19.87 30.37 -24.39
CA ALA A 652 19.76 31.65 -25.09
C ALA A 652 18.45 31.76 -25.84
N GLU A 653 18.03 30.67 -26.50
CA GLU A 653 16.76 30.68 -27.21
C GLU A 653 15.58 30.82 -26.25
N ILE A 654 15.65 30.14 -25.10
CA ILE A 654 14.55 30.20 -24.13
C ILE A 654 14.42 31.60 -23.56
N LEU A 655 15.55 32.23 -23.21
CA LEU A 655 15.50 33.57 -22.63
C LEU A 655 14.95 34.58 -23.62
N ASN A 656 15.29 34.43 -24.90
CA ASN A 656 14.74 35.33 -25.91
C ASN A 656 13.22 35.19 -26.02
N ALA A 657 12.71 33.96 -25.93
CA ALA A 657 11.27 33.75 -25.95
C ALA A 657 10.61 34.38 -24.73
N LEU A 658 11.25 34.29 -23.57
CA LEU A 658 10.69 34.88 -22.36
C LEU A 658 10.59 36.39 -22.49
N LYS A 659 11.63 37.03 -23.01
CA LYS A 659 11.67 38.49 -23.08
C LYS A 659 10.72 39.05 -24.13
N ALA A 660 10.19 38.23 -25.02
CA ALA A 660 9.23 38.69 -26.03
C ALA A 660 7.79 38.50 -25.55
N LEU A 661 7.48 37.32 -25.02
CA LEU A 661 6.11 37.05 -24.57
C LEU A 661 5.78 37.76 -23.27
N ALA A 662 6.72 37.79 -22.32
CA ALA A 662 6.47 38.33 -20.99
C ALA A 662 6.76 39.82 -20.89
N SER A 663 6.71 40.56 -21.99
CA SER A 663 6.96 41.99 -21.94
C SER A 663 5.81 42.74 -21.27
N ASN A 664 4.57 42.29 -21.50
CA ASN A 664 3.40 43.01 -21.01
C ASN A 664 2.99 42.64 -19.59
N ARG A 665 3.59 41.60 -19.01
CA ARG A 665 3.22 41.16 -17.67
C ARG A 665 4.47 40.94 -16.83
N THR A 666 4.36 41.21 -15.54
CA THR A 666 5.50 41.11 -14.64
C THR A 666 5.89 39.66 -14.39
N SER A 667 7.14 39.46 -14.01
CA SER A 667 7.66 38.13 -13.72
C SER A 667 8.81 38.25 -12.73
N ILE A 668 9.07 37.16 -12.02
CA ILE A 668 10.17 37.08 -11.06
C ILE A 668 10.99 35.83 -11.39
N PHE A 669 12.27 36.02 -11.66
CA PHE A 669 13.20 34.93 -11.96
C PHE A 669 14.21 34.80 -10.82
N ILE A 670 14.36 33.59 -10.30
CA ILE A 670 15.35 33.30 -9.28
C ILE A 670 16.27 32.19 -9.78
N ALA A 671 17.58 32.43 -9.70
CA ALA A 671 18.59 31.47 -10.15
C ALA A 671 19.96 32.00 -9.74
N HIS A 672 20.87 31.07 -9.44
CA HIS A 672 22.22 31.45 -9.05
C HIS A 672 23.06 31.90 -10.24
N ARG A 673 22.74 31.42 -11.44
CA ARG A 673 23.49 31.82 -12.63
C ARG A 673 23.32 33.31 -12.89
N LEU A 674 24.43 33.98 -13.19
CA LEU A 674 24.41 35.42 -13.39
C LEU A 674 23.87 35.83 -14.74
N THR A 675 23.82 34.92 -15.71
CA THR A 675 23.39 35.29 -17.06
C THR A 675 21.88 35.53 -17.13
N THR A 676 21.10 34.83 -16.30
CA THR A 676 19.65 35.00 -16.36
C THR A 676 19.21 36.28 -15.66
N ALA A 677 19.94 36.69 -14.62
CA ALA A 677 19.60 37.93 -13.91
C ALA A 677 20.11 39.17 -14.62
N MET A 678 21.06 39.03 -15.54
CA MET A 678 21.61 40.18 -16.23
C MET A 678 20.55 40.88 -17.08
N GLN A 679 19.70 40.10 -17.75
CA GLN A 679 18.68 40.69 -18.61
C GLN A 679 17.60 41.42 -17.81
N CYS A 680 17.39 41.03 -16.56
CA CYS A 680 16.36 41.65 -15.74
C CYS A 680 16.72 43.11 -15.44
N ASP A 681 15.69 43.94 -15.38
CA ASP A 681 15.89 45.37 -15.15
C ASP A 681 16.35 45.64 -13.73
N GLU A 682 15.71 45.01 -12.74
CA GLU A 682 16.00 45.26 -11.34
C GLU A 682 16.58 44.00 -10.70
N ILE A 683 17.71 44.17 -10.01
CA ILE A 683 18.40 43.07 -9.35
C ILE A 683 18.58 43.42 -7.88
N VAL A 684 18.22 42.49 -7.00
CA VAL A 684 18.44 42.65 -5.57
C VAL A 684 19.17 41.42 -5.06
N VAL A 685 19.90 41.60 -3.96
CA VAL A 685 20.70 40.54 -3.35
C VAL A 685 20.13 40.27 -1.97
N LEU A 686 19.78 39.00 -1.70
CA LEU A 686 19.22 38.58 -0.43
C LEU A 686 20.19 37.61 0.24
N GLU A 687 20.61 37.94 1.46
CA GLU A 687 21.51 37.10 2.22
C GLU A 687 21.15 37.17 3.69
N ASN A 688 21.13 36.01 4.35
CA ASN A 688 20.83 35.90 5.77
C ASN A 688 19.45 36.48 6.10
N GLY A 689 18.51 36.32 5.17
CA GLY A 689 17.15 36.74 5.40
C GLY A 689 16.89 38.23 5.32
N LYS A 690 17.86 39.02 4.84
CA LYS A 690 17.68 40.45 4.73
C LYS A 690 18.27 40.93 3.41
N VAL A 691 17.59 41.89 2.78
CA VAL A 691 18.09 42.46 1.53
C VAL A 691 19.32 43.31 1.80
N VAL A 692 20.28 43.26 0.89
CA VAL A 692 21.55 43.97 1.03
C VAL A 692 21.65 45.13 0.06
N GLU A 693 21.59 44.85 -1.25
CA GLU A 693 21.73 45.88 -2.27
C GLU A 693 20.62 45.73 -3.30
N GLN A 694 20.15 46.87 -3.82
CA GLN A 694 19.08 46.90 -4.82
C GLN A 694 19.47 47.88 -5.92
N GLY A 695 18.89 47.65 -7.10
CA GLY A 695 19.10 48.53 -8.22
C GLY A 695 19.34 47.80 -9.53
N PRO A 696 19.63 48.55 -10.60
CA PRO A 696 19.90 47.92 -11.90
C PRO A 696 21.25 47.22 -11.93
N HIS A 697 21.54 46.54 -13.04
CA HIS A 697 22.78 45.79 -13.16
C HIS A 697 23.99 46.71 -13.12
N ASP A 698 23.91 47.87 -13.79
CA ASP A 698 25.06 48.77 -13.87
C ASP A 698 25.43 49.31 -12.49
N GLU A 699 24.44 49.68 -11.68
CA GLU A 699 24.72 50.22 -10.36
C GLU A 699 25.32 49.16 -9.44
N LEU A 700 24.82 47.93 -9.51
CA LEU A 700 25.31 46.87 -8.65
C LEU A 700 26.79 46.57 -8.92
N LEU A 701 27.18 46.53 -10.19
CA LEU A 701 28.58 46.27 -10.53
C LEU A 701 29.48 47.40 -10.03
N GLY A 702 29.04 48.65 -10.18
CA GLY A 702 29.83 49.78 -9.72
C GLY A 702 29.98 49.84 -8.21
N LYS A 703 28.94 49.43 -7.48
CA LYS A 703 28.96 49.51 -6.02
C LYS A 703 29.99 48.57 -5.39
N SER A 704 30.50 47.58 -6.14
CA SER A 704 31.47 46.62 -5.63
C SER A 704 30.96 45.89 -4.39
N GLY A 705 29.68 45.53 -4.42
CA GLY A 705 29.05 44.83 -3.32
C GLY A 705 29.11 43.32 -3.47
N ARG A 706 28.14 42.66 -2.83
CA ARG A 706 28.07 41.20 -2.91
C ARG A 706 27.80 40.73 -4.33
N TYR A 707 26.94 41.45 -5.06
CA TYR A 707 26.64 41.06 -6.43
C TYR A 707 27.87 41.15 -7.33
N ALA A 708 28.71 42.18 -7.12
CA ALA A 708 29.91 42.32 -7.94
C ALA A 708 30.87 41.16 -7.74
N GLN A 709 31.01 40.71 -6.48
CA GLN A 709 31.92 39.59 -6.20
C GLN A 709 31.43 38.32 -6.89
N LEU A 710 30.12 38.07 -6.86
CA LEU A 710 29.58 36.87 -7.49
C LEU A 710 29.82 36.88 -9.00
N TRP A 711 29.62 38.03 -9.65
CA TRP A 711 29.80 38.12 -11.09
C TRP A 711 31.28 38.08 -11.48
N THR A 712 32.16 38.58 -10.61
CA THR A 712 33.58 38.64 -10.94
C THR A 712 34.16 37.25 -11.14
N GLN A 713 33.85 36.31 -10.24
CA GLN A 713 34.41 34.97 -10.35
C GLN A 713 33.74 34.17 -11.46
N GLN A 714 32.46 34.42 -11.73
CA GLN A 714 31.79 33.73 -12.82
C GLN A 714 32.40 34.07 -14.17
N ASN A 715 32.72 35.35 -14.39
CA ASN A 715 33.37 35.75 -15.63
C ASN A 715 34.77 35.13 -15.75
N SER A 716 35.52 35.12 -14.66
CA SER A 716 36.87 34.56 -14.62
C SER A 716 37.78 35.18 -15.69
N ALA B 117 -2.39 -25.07 -14.34
CA ALA B 117 -2.66 -26.15 -13.40
C ALA B 117 -1.37 -26.63 -12.76
N MET B 118 -0.37 -26.94 -13.59
CA MET B 118 0.91 -27.42 -13.07
C MET B 118 1.65 -26.31 -12.34
N ALA B 119 1.38 -25.05 -12.68
CA ALA B 119 1.97 -23.93 -11.95
C ALA B 119 1.48 -23.91 -10.50
N ASP B 120 0.19 -24.18 -10.30
CA ASP B 120 -0.34 -24.23 -8.94
C ASP B 120 0.25 -25.40 -8.15
N MET B 121 0.51 -26.52 -8.83
CA MET B 121 1.12 -27.67 -8.14
C MET B 121 2.51 -27.32 -7.62
N LYS B 122 3.28 -26.57 -8.41
CA LYS B 122 4.59 -26.12 -7.95
C LYS B 122 4.45 -25.19 -6.76
N ILE B 123 3.42 -24.34 -6.77
CA ILE B 123 3.21 -23.40 -5.67
C ILE B 123 2.91 -24.17 -4.38
N LEU B 124 2.04 -25.19 -4.46
CA LEU B 124 1.72 -25.97 -3.27
C LEU B 124 2.93 -26.75 -2.78
N ARG B 125 3.74 -27.29 -3.70
CA ARG B 125 4.93 -28.02 -3.31
C ARG B 125 5.93 -27.13 -2.58
N THR B 126 6.13 -25.91 -3.09
CA THR B 126 7.05 -24.98 -2.45
C THR B 126 6.58 -24.60 -1.05
N LEU B 127 5.29 -24.35 -0.89
CA LEU B 127 4.74 -24.01 0.42
C LEU B 127 4.86 -25.19 1.39
N ALA B 128 4.64 -26.41 0.89
CA ALA B 128 4.72 -27.58 1.76
C ALA B 128 6.13 -27.78 2.29
N GLY B 129 7.15 -27.49 1.47
CA GLY B 129 8.52 -27.63 1.92
C GLY B 129 8.87 -26.73 3.08
N TYR B 130 8.29 -25.54 3.14
CA TYR B 130 8.55 -24.62 4.24
C TYR B 130 8.06 -25.18 5.57
N LEU B 131 6.92 -25.87 5.56
CA LEU B 131 6.36 -26.42 6.79
C LEU B 131 7.26 -27.49 7.39
N TRP B 132 7.86 -28.32 6.55
CA TRP B 132 8.70 -29.44 6.98
C TRP B 132 10.19 -29.09 6.90
N MET B 133 10.54 -27.85 7.25
CA MET B 133 11.94 -27.43 7.25
C MET B 133 12.79 -28.36 8.09
N ARG B 134 13.77 -29.00 7.45
CA ARG B 134 14.59 -30.00 8.12
C ARG B 134 15.61 -29.39 9.08
N ASP B 135 15.91 -28.10 8.94
CA ASP B 135 16.94 -27.49 9.77
C ASP B 135 16.52 -27.42 11.23
N ASN B 136 15.25 -27.13 11.49
CA ASN B 136 14.76 -26.95 12.85
C ASN B 136 14.04 -28.20 13.31
N PRO B 137 14.60 -28.97 14.25
CA PRO B 137 13.86 -30.14 14.76
C PRO B 137 12.66 -29.76 15.60
N GLU B 138 12.59 -28.52 16.09
CA GLU B 138 11.46 -28.09 16.91
C GLU B 138 10.16 -28.12 16.11
N PHE B 139 10.21 -27.74 14.83
CA PHE B 139 9.00 -27.72 14.02
C PHE B 139 8.41 -29.12 13.86
N ARG B 140 9.27 -30.13 13.74
CA ARG B 140 8.78 -31.51 13.63
C ARG B 140 8.00 -31.91 14.86
N PHE B 141 8.52 -31.57 16.05
CA PHE B 141 7.77 -31.84 17.28
C PHE B 141 6.49 -31.02 17.32
N ARG B 142 6.52 -29.80 16.79
CA ARG B 142 5.36 -28.91 16.89
C ARG B 142 4.20 -29.40 16.03
N VAL B 143 4.50 -29.84 14.80
CA VAL B 143 3.42 -30.23 13.89
C VAL B 143 2.77 -31.54 14.35
N ILE B 144 3.58 -32.50 14.80
CA ILE B 144 3.01 -33.79 15.21
C ILE B 144 2.20 -33.65 16.49
N ALA B 145 2.58 -32.70 17.36
CA ALA B 145 1.82 -32.49 18.57
C ALA B 145 0.40 -32.01 18.26
N ALA B 146 0.27 -31.07 17.32
CA ALA B 146 -1.06 -30.57 16.96
C ALA B 146 -1.91 -31.66 16.33
N LEU B 147 -1.30 -32.49 15.48
CA LEU B 147 -2.06 -33.57 14.85
C LEU B 147 -2.59 -34.56 15.88
N GLY B 148 -1.74 -34.95 16.83
CA GLY B 148 -2.21 -35.81 17.91
C GLY B 148 -3.25 -35.13 18.78
N PHE B 149 -3.15 -33.81 18.92
CA PHE B 149 -4.15 -33.06 19.69
C PHE B 149 -5.51 -33.07 18.99
N LEU B 150 -5.51 -33.05 17.65
CA LEU B 150 -6.77 -33.06 16.92
C LEU B 150 -7.43 -34.43 16.98
N VAL B 151 -6.66 -35.50 16.78
CA VAL B 151 -7.23 -36.84 16.78
C VAL B 151 -7.76 -37.21 18.17
N GLY B 152 -7.10 -36.72 19.22
CA GLY B 152 -7.59 -36.96 20.57
C GLY B 152 -8.95 -36.33 20.80
N ALA B 153 -9.14 -35.10 20.31
CA ALA B 153 -10.44 -34.45 20.42
C ALA B 153 -11.49 -35.17 19.58
N LYS B 154 -11.11 -35.62 18.37
CA LYS B 154 -12.06 -36.31 17.50
C LYS B 154 -12.54 -37.61 18.13
N VAL B 155 -11.63 -38.38 18.73
CA VAL B 155 -12.02 -39.63 19.38
C VAL B 155 -12.92 -39.35 20.57
N LEU B 156 -12.55 -38.35 21.39
CA LEU B 156 -13.36 -38.01 22.56
C LEU B 156 -14.71 -37.44 22.16
N ASN B 157 -14.76 -36.69 21.06
CA ASN B 157 -16.03 -36.12 20.61
C ASN B 157 -17.02 -37.21 20.24
N VAL B 158 -16.53 -38.30 19.63
CA VAL B 158 -17.41 -39.42 19.30
C VAL B 158 -17.89 -40.11 20.58
N GLN B 159 -17.02 -40.19 21.59
CA GLN B 159 -17.36 -40.90 22.82
C GLN B 159 -18.44 -40.17 23.62
N VAL B 160 -18.55 -38.85 23.47
CA VAL B 160 -19.46 -38.08 24.31
C VAL B 160 -20.92 -38.49 24.12
N PRO B 161 -21.46 -38.60 22.90
CA PRO B 161 -22.86 -39.05 22.77
C PRO B 161 -23.09 -40.45 23.33
N PHE B 162 -22.11 -41.34 23.21
CA PHE B 162 -22.28 -42.70 23.72
C PHE B 162 -22.42 -42.71 25.23
N LEU B 163 -21.62 -41.89 25.92
CA LEU B 163 -21.72 -41.80 27.37
C LEU B 163 -23.07 -41.26 27.80
N PHE B 164 -23.57 -40.22 27.12
CA PHE B 164 -24.86 -39.65 27.45
C PHE B 164 -25.99 -40.65 27.20
N LYS B 165 -25.92 -41.38 26.08
CA LYS B 165 -26.97 -42.35 25.77
C LYS B 165 -26.99 -43.48 26.80
N LEU B 166 -25.82 -43.94 27.24
CA LEU B 166 -25.78 -45.00 28.24
C LEU B 166 -26.41 -44.57 29.56
N ALA B 167 -26.14 -43.33 29.99
CA ALA B 167 -26.73 -42.84 31.24
C ALA B 167 -28.24 -42.72 31.13
N VAL B 168 -28.75 -42.24 29.99
CA VAL B 168 -30.18 -42.11 29.81
C VAL B 168 -30.85 -43.48 29.80
N ASP B 169 -30.26 -44.43 29.07
CA ASP B 169 -30.83 -45.78 29.02
C ASP B 169 -30.80 -46.46 30.38
N TRP B 170 -29.70 -46.30 31.12
CA TRP B 170 -29.62 -46.90 32.45
C TRP B 170 -30.62 -46.27 33.40
N LEU B 171 -30.78 -44.94 33.35
CA LEU B 171 -31.75 -44.27 34.20
C LEU B 171 -33.17 -44.69 33.86
N ALA B 172 -33.48 -44.85 32.58
CA ALA B 172 -34.82 -45.29 32.18
C ALA B 172 -35.10 -46.70 32.68
N SER B 173 -34.11 -47.59 32.61
CA SER B 173 -34.29 -48.95 33.12
C SER B 173 -34.51 -48.95 34.63
N ALA B 174 -33.76 -48.12 35.35
CA ALA B 174 -33.89 -48.04 36.80
C ALA B 174 -35.15 -47.30 37.19
N PHE B 195 -28.46 -40.27 43.37
CA PHE B 195 -27.61 -41.46 43.37
C PHE B 195 -26.19 -41.11 42.96
N ALA B 196 -25.21 -41.80 43.56
CA ALA B 196 -23.81 -41.47 43.34
C ALA B 196 -23.38 -41.80 41.91
N THR B 197 -23.79 -42.95 41.39
CA THR B 197 -23.34 -43.37 40.06
C THR B 197 -23.74 -42.40 38.95
N PRO B 198 -24.99 -41.92 38.86
CA PRO B 198 -25.28 -40.89 37.85
C PRO B 198 -24.46 -39.63 38.02
N ALA B 199 -24.18 -39.24 39.26
CA ALA B 199 -23.37 -38.04 39.50
C ALA B 199 -21.98 -38.18 38.91
N ALA B 200 -21.34 -39.33 39.12
CA ALA B 200 -20.01 -39.55 38.54
C ALA B 200 -20.08 -39.55 37.02
N VAL B 201 -21.16 -40.11 36.46
CA VAL B 201 -21.34 -40.06 35.01
C VAL B 201 -21.49 -38.63 34.54
N LEU B 202 -22.28 -37.82 35.26
CA LEU B 202 -22.45 -36.42 34.89
C LEU B 202 -21.16 -35.63 35.09
N ILE B 203 -20.40 -35.95 36.15
CA ILE B 203 -19.08 -35.33 36.30
C ILE B 203 -18.17 -35.73 35.16
N GLY B 204 -18.12 -37.02 34.82
CA GLY B 204 -17.31 -37.45 33.70
C GLY B 204 -17.75 -36.82 32.39
N TYR B 205 -19.05 -36.59 32.24
CA TYR B 205 -19.56 -35.81 31.12
C TYR B 205 -19.04 -34.38 31.16
N GLY B 206 -18.81 -33.83 32.36
CA GLY B 206 -18.29 -32.49 32.47
C GLY B 206 -16.88 -32.36 31.92
N ILE B 207 -15.99 -33.28 32.29
CA ILE B 207 -14.62 -33.25 31.78
C ILE B 207 -14.61 -33.56 30.28
N ALA B 208 -15.51 -34.44 29.84
CA ALA B 208 -15.59 -34.74 28.41
C ALA B 208 -15.88 -33.49 27.59
N ARG B 209 -16.83 -32.66 28.04
CA ARG B 209 -17.09 -31.40 27.36
C ARG B 209 -15.89 -30.46 27.48
N THR B 210 -15.28 -30.40 28.66
CA THR B 210 -14.09 -29.56 28.83
C THR B 210 -12.91 -30.11 28.03
N GLY B 211 -12.75 -31.43 28.02
CA GLY B 211 -11.61 -32.02 27.31
C GLY B 211 -11.68 -31.80 25.81
N SER B 212 -12.89 -31.87 25.24
CA SER B 212 -13.04 -31.66 23.80
C SER B 212 -12.61 -30.26 23.39
N SER B 213 -13.02 -29.25 24.16
CA SER B 213 -12.64 -27.87 23.84
C SER B 213 -11.17 -27.61 24.19
N ALA B 214 -10.67 -28.23 25.26
CA ALA B 214 -9.28 -28.01 25.66
C ALA B 214 -8.31 -28.50 24.59
N PHE B 215 -8.59 -29.67 23.99
CA PHE B 215 -7.71 -30.19 22.96
C PHE B 215 -7.73 -29.31 21.71
N ASN B 216 -8.91 -28.79 21.34
CA ASN B 216 -9.02 -28.00 20.12
C ASN B 216 -8.33 -26.66 20.26
N GLU B 217 -8.56 -25.97 21.38
CA GLU B 217 -7.99 -24.64 21.56
C GLU B 217 -6.49 -24.70 21.76
N LEU B 218 -6.02 -25.70 22.51
CA LEU B 218 -4.58 -25.83 22.73
C LEU B 218 -3.87 -26.29 21.47
N ARG B 219 -4.61 -26.81 20.49
CA ARG B 219 -3.99 -27.24 19.24
C ARG B 219 -3.57 -26.06 18.37
N THR B 220 -4.40 -25.02 18.30
CA THR B 220 -4.17 -23.93 17.36
C THR B 220 -3.04 -23.00 17.79
N ALA B 221 -2.63 -23.05 19.07
CA ALA B 221 -1.58 -22.17 19.55
C ALA B 221 -0.25 -22.48 18.87
N VAL B 222 0.08 -23.77 18.75
CA VAL B 222 1.38 -24.16 18.20
C VAL B 222 1.42 -23.90 16.70
N PHE B 223 0.39 -24.33 15.97
CA PHE B 223 0.39 -24.17 14.53
C PHE B 223 0.37 -22.70 14.13
N SER B 224 -0.23 -21.85 14.97
CA SER B 224 -0.18 -20.41 14.72
C SER B 224 1.27 -19.92 14.72
N LYS B 225 2.06 -20.38 15.68
CA LYS B 225 3.47 -19.99 15.74
C LYS B 225 4.21 -20.42 14.49
N VAL B 226 4.04 -21.69 14.07
CA VAL B 226 4.80 -22.16 12.92
C VAL B 226 4.33 -21.46 11.64
N ALA B 227 3.03 -21.22 11.50
CA ALA B 227 2.50 -20.53 10.32
C ALA B 227 3.00 -19.10 10.27
N LEU B 228 3.04 -18.41 11.41
CA LEU B 228 3.52 -17.02 11.42
C LEU B 228 5.01 -16.96 11.13
N ARG B 229 5.79 -17.93 11.63
CA ARG B 229 7.20 -17.99 11.28
C ARG B 229 7.39 -18.18 9.78
N THR B 230 6.60 -19.07 9.18
CA THR B 230 6.66 -19.27 7.73
C THR B 230 6.29 -17.98 7.00
N ILE B 231 5.26 -17.27 7.50
CA ILE B 231 4.85 -16.00 6.89
C ILE B 231 6.01 -15.01 6.90
N ARG B 232 6.67 -14.88 8.05
CA ARG B 232 7.78 -13.94 8.16
C ARG B 232 8.92 -14.32 7.22
N SER B 233 9.26 -15.61 7.15
CA SER B 233 10.34 -16.04 6.27
C SER B 233 10.01 -15.77 4.81
N VAL B 234 8.77 -16.07 4.40
CA VAL B 234 8.37 -15.85 3.01
C VAL B 234 8.40 -14.36 2.68
N SER B 235 7.90 -13.52 3.59
CA SER B 235 7.90 -12.08 3.34
C SER B 235 9.33 -11.55 3.21
N ARG B 236 10.24 -12.01 4.09
CA ARG B 236 11.62 -11.57 4.00
C ARG B 236 12.26 -12.01 2.69
N LYS B 237 11.99 -13.24 2.27
CA LYS B 237 12.55 -13.73 1.01
C LYS B 237 12.03 -12.92 -0.17
N VAL B 238 10.73 -12.60 -0.17
CA VAL B 238 10.16 -11.79 -1.24
C VAL B 238 10.79 -10.40 -1.26
N PHE B 239 10.98 -9.80 -0.08
CA PHE B 239 11.62 -8.50 0.02
C PHE B 239 13.02 -8.54 -0.58
N SER B 240 13.81 -9.55 -0.19
CA SER B 240 15.18 -9.67 -0.70
C SER B 240 15.19 -9.87 -2.21
N HIS B 241 14.30 -10.72 -2.73
CA HIS B 241 14.28 -10.96 -4.18
C HIS B 241 13.84 -9.71 -4.94
N LEU B 242 12.90 -8.95 -4.37
CA LEU B 242 12.46 -7.71 -5.01
C LEU B 242 13.60 -6.71 -5.11
N HIS B 243 14.40 -6.58 -4.05
CA HIS B 243 15.58 -5.71 -4.17
C HIS B 243 16.67 -6.32 -5.04
N ASP B 244 16.67 -7.65 -5.19
CA ASP B 244 17.65 -8.29 -6.07
C ASP B 244 17.33 -8.01 -7.54
N LEU B 245 16.05 -7.87 -7.87
CA LEU B 245 15.61 -7.68 -9.26
C LEU B 245 16.34 -6.54 -9.97
N ASP B 246 16.37 -6.58 -11.29
CA ASP B 246 17.18 -5.70 -12.11
C ASP B 246 16.56 -4.29 -12.18
N LEU B 247 17.35 -3.35 -12.70
CA LEU B 247 16.91 -1.96 -12.79
C LEU B 247 15.80 -1.79 -13.83
N ARG B 248 15.84 -2.56 -14.92
CA ARG B 248 14.85 -2.40 -15.97
C ARG B 248 13.44 -2.70 -15.47
N TYR B 249 13.30 -3.61 -14.50
CA TYR B 249 12.01 -3.81 -13.88
C TYR B 249 11.57 -2.55 -13.13
N HIS B 250 12.50 -1.90 -12.44
CA HIS B 250 12.22 -0.62 -11.83
C HIS B 250 12.16 0.47 -12.90
N LEU B 251 11.90 1.71 -12.46
CA LEU B 251 11.81 2.89 -13.32
C LEU B 251 10.58 2.81 -14.22
N SER B 252 9.90 1.66 -14.21
CA SER B 252 8.63 1.50 -14.91
C SER B 252 7.64 0.70 -14.08
N ARG B 253 7.85 0.63 -12.76
CA ARG B 253 7.02 -0.17 -11.89
C ARG B 253 5.71 0.54 -11.57
N GLU B 254 4.77 -0.21 -11.02
CA GLU B 254 3.48 0.32 -10.56
C GLU B 254 3.58 0.44 -9.05
N THR B 255 3.95 1.62 -8.57
CA THR B 255 4.12 1.86 -7.15
C THR B 255 2.77 1.72 -6.44
N GLY B 256 2.66 0.74 -5.55
CA GLY B 256 1.43 0.47 -4.85
C GLY B 256 0.87 -0.90 -5.18
N GLY B 257 0.94 -1.29 -6.45
CA GLY B 257 0.55 -2.64 -6.82
C GLY B 257 1.41 -3.68 -6.11
N LEU B 258 2.70 -3.40 -5.97
CA LEU B 258 3.60 -4.33 -5.30
C LEU B 258 3.18 -4.55 -3.85
N ASN B 259 2.93 -3.46 -3.11
CA ASN B 259 2.58 -3.60 -1.70
C ASN B 259 1.19 -4.19 -1.53
N ARG B 260 0.25 -3.85 -2.41
CA ARG B 260 -1.08 -4.46 -2.34
C ARG B 260 -1.00 -5.97 -2.59
N ILE B 261 -0.20 -6.37 -3.58
CA ILE B 261 -0.03 -7.80 -3.85
C ILE B 261 0.63 -8.48 -2.67
N ILE B 262 1.63 -7.85 -2.07
CA ILE B 262 2.33 -8.45 -0.93
C ILE B 262 1.37 -8.64 0.23
N ASP B 263 0.57 -7.62 0.54
CA ASP B 263 -0.38 -7.73 1.64
C ASP B 263 -1.43 -8.81 1.36
N ARG B 264 -1.97 -8.82 0.15
CA ARG B 264 -3.00 -9.80 -0.18
C ARG B 264 -2.47 -11.23 -0.12
N GLY B 265 -1.25 -11.45 -0.64
CA GLY B 265 -0.67 -12.78 -0.57
C GLY B 265 -0.30 -13.20 0.83
N SER B 266 0.26 -12.28 1.61
CA SER B 266 0.62 -12.61 2.99
C SER B 266 -0.60 -12.94 3.82
N ARG B 267 -1.74 -12.30 3.53
CA ARG B 267 -2.98 -12.68 4.20
C ARG B 267 -3.46 -14.05 3.74
N ALA B 268 -3.13 -14.44 2.51
CA ALA B 268 -3.66 -15.67 1.94
C ALA B 268 -2.93 -16.90 2.45
N ILE B 269 -1.63 -16.80 2.73
CA ILE B 269 -0.83 -17.96 3.06
C ILE B 269 -1.29 -18.59 4.37
N ASN B 270 -1.71 -17.75 5.32
CA ASN B 270 -2.06 -18.26 6.65
C ASN B 270 -3.22 -19.24 6.59
N PHE B 271 -4.27 -18.91 5.84
CA PHE B 271 -5.42 -19.80 5.74
C PHE B 271 -5.06 -21.11 5.05
N ILE B 272 -4.28 -21.04 3.97
CA ILE B 272 -3.90 -22.25 3.25
C ILE B 272 -3.07 -23.16 4.15
N LEU B 273 -2.13 -22.59 4.90
CA LEU B 273 -1.33 -23.39 5.82
C LEU B 273 -2.20 -23.99 6.91
N SER B 274 -3.13 -23.21 7.47
CA SER B 274 -3.94 -23.70 8.58
C SER B 274 -4.93 -24.78 8.14
N ALA B 275 -5.57 -24.59 6.99
CA ALA B 275 -6.65 -25.49 6.60
C ALA B 275 -6.13 -26.83 6.09
N MET B 276 -4.99 -26.82 5.39
CA MET B 276 -4.55 -28.02 4.68
C MET B 276 -4.15 -29.13 5.66
N VAL B 277 -3.55 -28.78 6.78
CA VAL B 277 -3.01 -29.79 7.68
C VAL B 277 -4.13 -30.54 8.40
N PHE B 278 -5.14 -29.82 8.90
CA PHE B 278 -6.07 -30.38 9.87
C PHE B 278 -7.45 -30.70 9.32
N ASN B 279 -7.80 -30.24 8.12
CA ASN B 279 -9.18 -30.29 7.66
C ASN B 279 -9.43 -31.35 6.58
N VAL B 280 -8.49 -31.57 5.67
CA VAL B 280 -8.74 -32.41 4.50
C VAL B 280 -8.89 -33.87 4.88
N VAL B 281 -8.01 -34.38 5.74
CA VAL B 281 -8.00 -35.81 6.04
C VAL B 281 -9.12 -36.21 7.00
N PRO B 282 -9.31 -35.56 8.16
CA PRO B 282 -10.38 -36.00 9.07
C PRO B 282 -11.76 -35.96 8.46
N THR B 283 -12.05 -34.95 7.64
CA THR B 283 -13.37 -34.86 7.00
C THR B 283 -13.57 -36.01 6.02
N ILE B 284 -12.54 -36.36 5.25
CA ILE B 284 -12.64 -37.50 4.34
C ILE B 284 -12.85 -38.79 5.13
N LEU B 285 -12.14 -38.95 6.24
CA LEU B 285 -12.31 -40.14 7.07
C LEU B 285 -13.74 -40.22 7.62
N GLU B 286 -14.28 -39.10 8.09
CA GLU B 286 -15.65 -39.08 8.60
C GLU B 286 -16.65 -39.40 7.49
N ILE B 287 -16.42 -38.85 6.30
CA ILE B 287 -17.30 -39.14 5.17
C ILE B 287 -17.27 -40.63 4.84
N SER B 288 -16.07 -41.23 4.84
CA SER B 288 -15.97 -42.66 4.60
C SER B 288 -16.68 -43.47 5.67
N MET B 289 -16.55 -43.07 6.93
CA MET B 289 -17.23 -43.78 8.01
C MET B 289 -18.74 -43.72 7.85
N VAL B 290 -19.27 -42.53 7.55
CA VAL B 290 -20.73 -42.40 7.37
C VAL B 290 -21.17 -43.15 6.13
N SER B 291 -20.34 -43.19 5.09
CA SER B 291 -20.66 -43.97 3.90
C SER B 291 -20.74 -45.45 4.22
N GLY B 292 -19.83 -45.95 5.05
CA GLY B 292 -19.91 -47.34 5.49
C GLY B 292 -21.15 -47.60 6.34
N ILE B 293 -21.51 -46.64 7.20
CA ILE B 293 -22.73 -46.78 8.00
C ILE B 293 -23.95 -46.87 7.11
N LEU B 294 -24.02 -46.03 6.08
CA LEU B 294 -25.13 -46.09 5.13
C LEU B 294 -25.09 -47.35 4.28
N ALA B 295 -23.90 -47.87 3.98
CA ALA B 295 -23.78 -49.14 3.28
C ALA B 295 -24.35 -50.27 4.12
N TYR B 296 -24.16 -50.21 5.44
CA TYR B 296 -24.88 -51.10 6.33
C TYR B 296 -26.38 -50.92 6.15
N LYS B 297 -27.14 -51.95 6.52
CA LYS B 297 -28.59 -52.03 6.30
C LYS B 297 -28.95 -51.59 4.87
N PHE B 298 -28.49 -52.41 3.92
CA PHE B 298 -28.64 -52.13 2.50
C PHE B 298 -30.10 -51.90 2.13
N GLY B 299 -30.32 -50.86 1.33
CA GLY B 299 -31.64 -50.61 0.76
C GLY B 299 -31.68 -50.91 -0.72
N ALA B 300 -30.51 -51.21 -1.29
CA ALA B 300 -30.34 -51.65 -2.68
C ALA B 300 -30.56 -50.52 -3.67
N ALA B 301 -30.98 -49.35 -3.20
CA ALA B 301 -31.12 -48.18 -4.05
C ALA B 301 -30.61 -46.89 -3.41
N PHE B 302 -30.54 -46.81 -2.08
CA PHE B 302 -30.06 -45.59 -1.44
C PHE B 302 -28.60 -45.32 -1.77
N ALA B 303 -27.79 -46.38 -1.89
CA ALA B 303 -26.40 -46.19 -2.27
C ALA B 303 -26.29 -45.58 -3.67
N TRP B 304 -27.09 -46.07 -4.62
CA TRP B 304 -27.09 -45.50 -5.96
C TRP B 304 -27.55 -44.05 -5.94
N ILE B 305 -28.61 -43.75 -5.18
CA ILE B 305 -29.12 -42.39 -5.13
C ILE B 305 -28.08 -41.44 -4.54
N THR B 306 -27.43 -41.85 -3.45
CA THR B 306 -26.45 -40.96 -2.83
C THR B 306 -25.19 -40.85 -3.67
N SER B 307 -24.81 -41.90 -4.41
CA SER B 307 -23.68 -41.79 -5.32
C SER B 307 -23.97 -40.80 -6.44
N LEU B 308 -25.17 -40.88 -7.01
CA LEU B 308 -25.55 -39.93 -8.05
C LEU B 308 -25.58 -38.50 -7.51
N SER B 309 -26.14 -38.32 -6.30
CA SER B 309 -26.19 -36.99 -5.70
C SER B 309 -24.79 -36.44 -5.44
N VAL B 310 -23.88 -37.29 -4.94
CA VAL B 310 -22.52 -36.85 -4.66
C VAL B 310 -21.82 -36.47 -5.96
N GLY B 311 -21.98 -37.28 -7.01
CA GLY B 311 -21.36 -36.96 -8.28
C GLY B 311 -21.86 -35.65 -8.86
N SER B 312 -23.19 -35.45 -8.83
CA SER B 312 -23.75 -34.19 -9.31
C SER B 312 -23.26 -33.01 -8.49
N TYR B 313 -23.18 -33.18 -7.16
CA TYR B 313 -22.70 -32.12 -6.29
C TYR B 313 -21.26 -31.74 -6.63
N ILE B 314 -20.40 -32.74 -6.81
CA ILE B 314 -19.00 -32.47 -7.13
C ILE B 314 -18.88 -31.78 -8.48
N VAL B 315 -19.63 -32.25 -9.48
CA VAL B 315 -19.56 -31.64 -10.81
C VAL B 315 -20.02 -30.18 -10.74
N PHE B 316 -21.14 -29.93 -10.05
CA PHE B 316 -21.66 -28.58 -9.94
C PHE B 316 -20.67 -27.66 -9.20
N THR B 317 -20.08 -28.15 -8.11
CA THR B 317 -19.15 -27.34 -7.35
C THR B 317 -17.91 -27.01 -8.17
N LEU B 318 -17.36 -28.00 -8.88
CA LEU B 318 -16.19 -27.75 -9.72
C LEU B 318 -16.51 -26.75 -10.83
N ALA B 319 -17.66 -26.90 -11.48
CA ALA B 319 -18.04 -25.97 -12.54
C ALA B 319 -18.20 -24.55 -12.00
N VAL B 320 -18.86 -24.41 -10.84
CA VAL B 320 -19.08 -23.09 -10.27
C VAL B 320 -17.75 -22.44 -9.86
N THR B 321 -16.87 -23.22 -9.25
CA THR B 321 -15.56 -22.67 -8.86
C THR B 321 -14.75 -22.26 -10.07
N GLN B 322 -14.76 -23.08 -11.13
CA GLN B 322 -14.04 -22.73 -12.35
C GLN B 322 -14.59 -21.45 -12.98
N TRP B 323 -15.91 -21.31 -12.99
CA TRP B 323 -16.51 -20.08 -13.52
C TRP B 323 -16.15 -18.87 -12.66
N ARG B 324 -16.18 -19.02 -11.34
CA ARG B 324 -15.93 -17.91 -10.43
C ARG B 324 -14.46 -17.52 -10.37
N THR B 325 -13.55 -18.42 -10.77
CA THR B 325 -12.13 -18.08 -10.79
C THR B 325 -11.86 -16.87 -11.69
N LYS B 326 -12.60 -16.74 -12.79
CA LYS B 326 -12.39 -15.62 -13.70
C LYS B 326 -12.77 -14.29 -13.07
N PHE B 327 -13.86 -14.26 -12.29
CA PHE B 327 -14.33 -13.01 -11.72
C PHE B 327 -13.35 -12.43 -10.73
N ARG B 328 -12.72 -13.27 -9.91
CA ARG B 328 -11.75 -12.77 -8.93
C ARG B 328 -10.56 -12.11 -9.59
N LYS B 329 -10.09 -12.69 -10.71
CA LYS B 329 -8.95 -12.11 -11.41
C LYS B 329 -9.25 -10.72 -11.94
N ALA B 330 -10.47 -10.51 -12.45
CA ALA B 330 -10.87 -9.19 -12.93
C ALA B 330 -10.91 -8.17 -11.81
N MET B 331 -11.45 -8.56 -10.65
CA MET B 331 -11.52 -7.66 -9.52
C MET B 331 -10.13 -7.31 -9.00
N ASN B 332 -9.23 -8.30 -8.95
CA ASN B 332 -7.89 -8.06 -8.43
C ASN B 332 -7.12 -7.08 -9.30
N LYS B 333 -7.29 -7.20 -10.62
CA LYS B 333 -6.59 -6.30 -11.55
C LYS B 333 -7.04 -4.85 -11.35
N ALA B 334 -8.35 -4.64 -11.15
CA ALA B 334 -8.85 -3.28 -10.97
C ALA B 334 -8.37 -2.67 -9.67
N ASP B 335 -8.28 -3.47 -8.61
CA ASP B 335 -7.90 -2.94 -7.30
C ASP B 335 -6.48 -2.38 -7.32
N ASN B 336 -5.55 -3.09 -7.95
CA ASN B 336 -4.15 -2.63 -7.99
C ASN B 336 -4.02 -1.33 -8.76
N ASP B 337 -4.74 -1.21 -9.89
CA ASP B 337 -4.64 -0.01 -10.72
C ASP B 337 -5.13 1.22 -9.96
N ALA B 338 -6.23 1.09 -9.23
CA ALA B 338 -6.72 2.22 -8.43
C ALA B 338 -5.71 2.63 -7.37
N SER B 339 -5.10 1.65 -6.69
CA SER B 339 -4.12 1.95 -5.66
C SER B 339 -2.90 2.67 -6.24
N THR B 340 -2.38 2.17 -7.36
CA THR B 340 -1.22 2.82 -7.95
C THR B 340 -1.55 4.19 -8.51
N ARG B 341 -2.76 4.38 -9.04
CA ARG B 341 -3.19 5.71 -9.47
C ARG B 341 -3.27 6.67 -8.29
N ALA B 342 -3.83 6.22 -7.17
CA ALA B 342 -3.92 7.07 -5.99
C ALA B 342 -2.54 7.44 -5.46
N ILE B 343 -1.62 6.47 -5.43
CA ILE B 343 -0.28 6.75 -4.93
C ILE B 343 0.47 7.68 -5.87
N ASP B 344 0.28 7.52 -7.19
CA ASP B 344 0.89 8.45 -8.13
C ASP B 344 0.33 9.86 -7.95
N SER B 345 -0.97 9.97 -7.72
CA SER B 345 -1.57 11.28 -7.47
C SER B 345 -1.02 11.90 -6.19
N LEU B 346 -0.82 11.08 -5.16
CA LEU B 346 -0.23 11.58 -3.92
C LEU B 346 1.21 12.05 -4.14
N ILE B 347 1.97 11.33 -4.95
CA ILE B 347 3.33 11.76 -5.28
C ILE B 347 3.30 13.07 -6.06
N ASN B 348 2.28 13.27 -6.90
CA ASN B 348 2.11 14.49 -7.68
C ASN B 348 1.30 15.54 -6.92
N TYR B 349 1.36 15.51 -5.58
CA TYR B 349 0.62 16.46 -4.77
C TYR B 349 1.08 17.89 -5.04
N GLU B 350 2.39 18.10 -5.17
CA GLU B 350 2.91 19.45 -5.43
C GLU B 350 2.37 19.98 -6.75
N THR B 351 2.36 19.15 -7.79
CA THR B 351 1.86 19.59 -9.10
C THR B 351 0.37 19.86 -9.06
N VAL B 352 -0.41 18.98 -8.42
CA VAL B 352 -1.85 19.19 -8.35
C VAL B 352 -2.25 20.30 -7.41
N LYS B 353 -1.31 20.77 -6.58
CA LYS B 353 -1.55 21.99 -5.81
C LYS B 353 -1.13 23.24 -6.57
N TYR B 354 -0.04 23.15 -7.33
CA TYR B 354 0.37 24.28 -8.17
C TYR B 354 -0.69 24.60 -9.22
N PHE B 355 -1.24 23.57 -9.85
CA PHE B 355 -2.28 23.73 -10.85
C PHE B 355 -3.63 23.42 -10.24
N ASN B 356 -4.65 24.20 -10.62
CA ASN B 356 -5.98 24.12 -10.03
C ASN B 356 -6.75 22.87 -10.45
N ASN B 357 -6.15 21.99 -11.24
CA ASN B 357 -6.83 20.78 -11.72
C ASN B 357 -6.81 19.74 -10.61
N GLU B 358 -7.74 19.89 -9.66
CA GLU B 358 -7.83 18.98 -8.53
C GLU B 358 -8.95 17.96 -8.72
N GLY B 359 -10.06 18.35 -9.37
CA GLY B 359 -11.18 17.46 -9.55
C GLY B 359 -10.94 16.34 -10.55
N TYR B 360 -9.96 16.52 -11.45
CA TYR B 360 -9.67 15.48 -12.44
C TYR B 360 -9.18 14.20 -11.76
N GLU B 361 -8.31 14.33 -10.77
CA GLU B 361 -7.82 13.15 -10.05
C GLU B 361 -8.96 12.45 -9.31
N ALA B 362 -9.85 13.23 -8.70
CA ALA B 362 -11.01 12.65 -8.03
C ALA B 362 -11.90 11.91 -9.02
N GLU B 363 -12.11 12.49 -10.21
CA GLU B 363 -12.94 11.84 -11.21
C GLU B 363 -12.32 10.53 -11.69
N LYS B 364 -11.00 10.52 -11.92
CA LYS B 364 -10.32 9.29 -12.33
C LYS B 364 -10.39 8.23 -11.25
N TYR B 365 -10.18 8.63 -9.98
CA TYR B 365 -10.30 7.67 -8.89
C TYR B 365 -11.72 7.14 -8.76
N ASP B 366 -12.71 8.00 -9.00
CA ASP B 366 -14.10 7.56 -8.97
C ASP B 366 -14.39 6.55 -10.08
N GLN B 367 -13.83 6.79 -11.27
CA GLN B 367 -14.01 5.82 -12.37
C GLN B 367 -13.37 4.48 -12.04
N PHE B 368 -12.15 4.50 -11.49
CA PHE B 368 -11.49 3.26 -11.12
C PHE B 368 -12.27 2.54 -10.02
N LEU B 369 -12.79 3.28 -9.04
CA LEU B 369 -13.58 2.69 -7.98
C LEU B 369 -14.90 2.14 -8.51
N LYS B 370 -15.47 2.77 -9.53
CA LYS B 370 -16.68 2.24 -10.16
C LYS B 370 -16.39 0.93 -10.88
N LYS B 371 -15.24 0.85 -11.56
CA LYS B 371 -14.86 -0.41 -12.19
C LYS B 371 -14.69 -1.50 -11.13
N TYR B 372 -14.02 -1.19 -10.02
CA TYR B 372 -13.88 -2.16 -8.94
C TYR B 372 -15.25 -2.52 -8.35
N GLU B 373 -16.15 -1.54 -8.27
CA GLU B 373 -17.51 -1.78 -7.80
C GLU B 373 -18.22 -2.81 -8.67
N ASP B 374 -18.17 -2.63 -9.99
CA ASP B 374 -18.81 -3.58 -10.89
C ASP B 374 -18.17 -4.96 -10.77
N ALA B 375 -16.84 -5.01 -10.70
CA ALA B 375 -16.15 -6.29 -10.58
C ALA B 375 -16.53 -7.02 -9.30
N ALA B 376 -16.63 -6.30 -8.19
CA ALA B 376 -17.00 -6.92 -6.92
C ALA B 376 -18.47 -7.32 -6.89
N LEU B 377 -19.34 -6.52 -7.51
CA LEU B 377 -20.76 -6.84 -7.51
C LEU B 377 -21.03 -8.10 -8.33
N GLN B 378 -20.28 -8.31 -9.42
CA GLN B 378 -20.45 -9.54 -10.19
C GLN B 378 -20.12 -10.78 -9.37
N THR B 379 -19.12 -10.68 -8.48
CA THR B 379 -18.70 -11.83 -7.69
C THR B 379 -19.77 -12.22 -6.67
N GLN B 380 -20.39 -11.23 -6.03
CA GLN B 380 -21.31 -11.51 -4.93
C GLN B 380 -22.52 -12.30 -5.41
N ARG B 381 -23.10 -11.93 -6.56
CA ARG B 381 -24.24 -12.67 -7.09
C ARG B 381 -23.84 -14.11 -7.44
N SER B 382 -22.64 -14.29 -7.99
CA SER B 382 -22.19 -15.63 -8.35
C SER B 382 -22.07 -16.52 -7.12
N LEU B 383 -21.73 -15.93 -5.97
CA LEU B 383 -21.70 -16.70 -4.73
C LEU B 383 -23.09 -17.15 -4.31
N ALA B 384 -24.10 -16.29 -4.53
CA ALA B 384 -25.47 -16.64 -4.17
C ALA B 384 -25.97 -17.81 -5.01
N PHE B 385 -25.58 -17.85 -6.29
CA PHE B 385 -25.97 -18.97 -7.16
C PHE B 385 -25.40 -20.28 -6.65
N LEU B 386 -24.15 -20.27 -6.20
CA LEU B 386 -23.55 -21.49 -5.65
C LEU B 386 -24.28 -21.95 -4.39
N ASN B 387 -24.60 -21.01 -3.49
CA ASN B 387 -25.28 -21.37 -2.25
C ASN B 387 -26.69 -21.88 -2.52
N PHE B 388 -27.42 -21.25 -3.45
CA PHE B 388 -28.73 -21.74 -3.81
C PHE B 388 -28.64 -23.12 -4.46
N GLY B 389 -27.63 -23.31 -5.33
CA GLY B 389 -27.41 -24.63 -5.90
C GLY B 389 -26.96 -25.64 -4.86
N GLN B 390 -26.29 -25.17 -3.80
CA GLN B 390 -25.89 -26.06 -2.72
C GLN B 390 -27.11 -26.68 -2.04
N SER B 391 -28.12 -25.87 -1.73
CA SER B 391 -29.27 -26.36 -0.99
C SER B 391 -30.22 -27.17 -1.88
N ILE B 392 -30.40 -26.74 -3.14
CA ILE B 392 -31.41 -27.36 -3.98
C ILE B 392 -31.07 -28.81 -4.30
N ILE B 393 -29.78 -29.12 -4.48
CA ILE B 393 -29.38 -30.49 -4.76
C ILE B 393 -29.59 -31.36 -3.53
N PHE B 394 -29.33 -30.82 -2.34
CA PHE B 394 -29.55 -31.59 -1.12
C PHE B 394 -31.05 -31.66 -0.78
N SER B 395 -31.79 -30.58 -1.05
CA SER B 395 -33.22 -30.58 -0.75
C SER B 395 -33.95 -31.62 -1.57
N THR B 396 -33.64 -31.74 -2.86
CA THR B 396 -34.27 -32.76 -3.68
C THR B 396 -33.74 -34.14 -3.36
N ALA B 397 -32.49 -34.24 -2.89
CA ALA B 397 -31.98 -35.53 -2.42
C ALA B 397 -32.74 -36.01 -1.19
N LEU B 398 -33.01 -35.09 -0.26
CA LEU B 398 -33.84 -35.43 0.89
C LEU B 398 -35.27 -35.75 0.48
N SER B 399 -35.80 -34.99 -0.48
CA SER B 399 -37.17 -35.22 -0.93
C SER B 399 -37.31 -36.59 -1.59
N THR B 400 -36.38 -36.94 -2.49
CA THR B 400 -36.46 -38.24 -3.15
C THR B 400 -36.15 -39.37 -2.19
N ALA B 401 -35.37 -39.12 -1.14
CA ALA B 401 -35.13 -40.13 -0.13
C ALA B 401 -36.40 -40.41 0.68
N MET B 402 -37.12 -39.36 1.06
CA MET B 402 -38.37 -39.55 1.80
C MET B 402 -39.47 -40.11 0.90
N VAL B 403 -39.48 -39.71 -0.38
CA VAL B 403 -40.47 -40.23 -1.31
C VAL B 403 -40.25 -41.72 -1.56
N LEU B 404 -38.99 -42.13 -1.74
CA LEU B 404 -38.69 -43.53 -2.05
C LEU B 404 -39.09 -44.44 -0.90
N CYS B 405 -38.76 -44.05 0.34
CA CYS B 405 -39.09 -44.88 1.49
C CYS B 405 -40.59 -44.87 1.76
N SER B 406 -41.25 -43.72 1.57
CA SER B 406 -42.69 -43.66 1.75
C SER B 406 -43.43 -44.48 0.70
N GLN B 407 -42.82 -44.65 -0.48
CA GLN B 407 -43.41 -45.50 -1.51
C GLN B 407 -43.43 -46.97 -1.10
N GLY B 408 -42.59 -47.36 -0.15
CA GLY B 408 -42.54 -48.73 0.30
C GLY B 408 -43.07 -48.94 1.71
N ILE B 409 -44.17 -48.26 2.03
CA ILE B 409 -44.79 -48.44 3.34
C ILE B 409 -45.26 -49.87 3.53
N MET B 410 -45.83 -50.45 2.49
CA MET B 410 -46.23 -51.85 2.48
C MET B 410 -45.40 -52.62 1.47
N ASN B 411 -45.26 -53.93 1.71
CA ASN B 411 -44.43 -54.80 0.89
C ASN B 411 -43.00 -54.29 0.80
N GLY B 412 -42.48 -53.83 1.93
CA GLY B 412 -41.13 -53.28 1.97
C GLY B 412 -40.71 -52.86 3.36
N GLN B 413 -40.10 -51.68 3.47
CA GLN B 413 -39.65 -51.16 4.76
C GLN B 413 -40.86 -50.71 5.57
N MET B 414 -41.18 -51.45 6.64
CA MET B 414 -42.36 -51.19 7.44
C MET B 414 -42.06 -50.64 8.83
N THR B 415 -40.79 -50.58 9.23
CA THR B 415 -40.43 -50.12 10.56
C THR B 415 -40.21 -48.61 10.54
N VAL B 416 -41.00 -47.89 11.34
CA VAL B 416 -40.87 -46.45 11.42
C VAL B 416 -39.57 -46.02 12.11
N GLY B 417 -38.91 -46.94 12.82
CA GLY B 417 -37.63 -46.61 13.41
C GLY B 417 -36.56 -46.33 12.37
N ASP B 418 -36.64 -47.00 11.21
CA ASP B 418 -35.70 -46.72 10.14
C ASP B 418 -35.98 -45.39 9.45
N LEU B 419 -37.22 -44.90 9.55
CA LEU B 419 -37.57 -43.61 8.94
C LEU B 419 -36.78 -42.48 9.56
N VAL B 420 -36.62 -42.48 10.89
CA VAL B 420 -35.83 -41.43 11.54
C VAL B 420 -34.35 -41.72 11.37
N MET B 421 -33.97 -42.98 11.19
CA MET B 421 -32.56 -43.32 11.03
C MET B 421 -32.00 -42.74 9.74
N VAL B 422 -32.74 -42.86 8.63
CA VAL B 422 -32.26 -42.35 7.36
C VAL B 422 -32.19 -40.83 7.38
N ASN B 423 -33.14 -40.18 8.07
CA ASN B 423 -33.11 -38.73 8.17
C ASN B 423 -31.90 -38.26 8.98
N GLY B 424 -31.64 -38.91 10.12
CA GLY B 424 -30.50 -38.54 10.93
C GLY B 424 -29.17 -38.83 10.24
N LEU B 425 -29.07 -39.97 9.56
CA LEU B 425 -27.84 -40.33 8.88
C LEU B 425 -27.56 -39.37 7.72
N LEU B 426 -28.60 -38.97 6.99
CA LEU B 426 -28.40 -38.03 5.89
C LEU B 426 -27.88 -36.69 6.38
N PHE B 427 -28.40 -36.20 7.51
CA PHE B 427 -27.86 -34.99 8.10
C PHE B 427 -26.42 -35.18 8.55
N GLN B 428 -26.12 -36.36 9.12
CA GLN B 428 -24.75 -36.65 9.53
C GLN B 428 -23.80 -36.72 8.35
N LEU B 429 -24.31 -37.06 7.16
CA LEU B 429 -23.52 -36.95 5.95
C LEU B 429 -23.44 -35.51 5.45
N SER B 430 -24.47 -34.70 5.72
CA SER B 430 -24.54 -33.36 5.13
C SER B 430 -23.50 -32.42 5.74
N LEU B 431 -23.36 -32.43 7.06
CA LEU B 431 -22.49 -31.45 7.72
C LEU B 431 -21.03 -31.58 7.30
N PRO B 432 -20.38 -32.75 7.35
CA PRO B 432 -19.02 -32.84 6.81
C PRO B 432 -18.92 -32.57 5.33
N LEU B 433 -19.94 -32.95 4.56
CA LEU B 433 -19.92 -32.69 3.11
C LEU B 433 -19.95 -31.19 2.82
N ASN B 434 -20.77 -30.44 3.58
CA ASN B 434 -20.80 -29.00 3.40
C ASN B 434 -19.48 -28.36 3.80
N PHE B 435 -18.82 -28.91 4.83
CA PHE B 435 -17.52 -28.38 5.24
C PHE B 435 -16.48 -28.60 4.14
N LEU B 436 -16.54 -29.74 3.46
CA LEU B 436 -15.61 -30.00 2.36
C LEU B 436 -15.81 -29.01 1.22
N GLY B 437 -17.07 -28.68 0.91
CA GLY B 437 -17.33 -27.72 -0.15
C GLY B 437 -16.78 -26.34 0.15
N SER B 438 -16.91 -25.90 1.40
CA SER B 438 -16.36 -24.61 1.78
C SER B 438 -14.84 -24.60 1.71
N VAL B 439 -14.21 -25.70 2.11
CA VAL B 439 -12.76 -25.77 2.12
C VAL B 439 -12.20 -25.63 0.71
N TYR B 440 -12.77 -26.37 -0.26
CA TYR B 440 -12.29 -26.27 -1.63
C TYR B 440 -12.54 -24.88 -2.21
N ARG B 441 -13.72 -24.31 -1.92
CA ARG B 441 -14.02 -22.97 -2.44
C ARG B 441 -13.03 -21.94 -1.90
N GLU B 442 -12.74 -22.01 -0.60
CA GLU B 442 -11.79 -21.06 -0.02
C GLU B 442 -10.37 -21.31 -0.52
N THR B 443 -10.00 -22.57 -0.73
CA THR B 443 -8.65 -22.88 -1.21
C THR B 443 -8.44 -22.38 -2.63
N ILE B 444 -9.38 -22.66 -3.53
CA ILE B 444 -9.26 -22.17 -4.90
C ILE B 444 -9.41 -20.65 -4.93
N GLN B 445 -10.17 -20.10 -3.98
CA GLN B 445 -10.31 -18.64 -3.90
C GLN B 445 -9.01 -17.99 -3.45
N SER B 446 -8.37 -18.55 -2.43
CA SER B 446 -7.15 -17.98 -1.89
C SER B 446 -5.94 -18.25 -2.79
N LEU B 447 -5.98 -19.33 -3.58
CA LEU B 447 -4.87 -19.66 -4.45
C LEU B 447 -4.72 -18.69 -5.62
N VAL B 448 -5.83 -18.06 -6.03
CA VAL B 448 -5.77 -17.07 -7.10
C VAL B 448 -4.95 -15.86 -6.68
N ASP B 449 -5.15 -15.38 -5.45
CA ASP B 449 -4.37 -14.26 -4.95
C ASP B 449 -2.89 -14.62 -4.80
N MET B 450 -2.59 -15.89 -4.60
CA MET B 450 -1.21 -16.35 -4.42
C MET B 450 -0.39 -16.24 -5.70
N LYS B 451 -1.03 -16.36 -6.87
CA LYS B 451 -0.29 -16.32 -8.13
C LYS B 451 0.37 -14.97 -8.36
N SER B 452 -0.05 -13.94 -7.62
CA SER B 452 0.49 -12.60 -7.84
C SER B 452 1.95 -12.49 -7.41
N MET B 453 2.27 -12.95 -6.19
CA MET B 453 3.67 -12.92 -5.75
C MET B 453 4.53 -13.85 -6.58
N PHE B 454 4.11 -15.10 -6.72
CA PHE B 454 5.01 -16.13 -7.24
C PHE B 454 5.34 -15.90 -8.69
N GLN B 455 4.49 -15.19 -9.44
CA GLN B 455 4.88 -14.70 -10.75
C GLN B 455 6.01 -13.68 -10.64
N LEU B 456 5.92 -12.79 -9.65
CA LEU B 456 7.00 -11.83 -9.41
C LEU B 456 8.27 -12.52 -8.94
N LEU B 457 8.13 -13.58 -8.14
CA LEU B 457 9.30 -14.31 -7.66
C LEU B 457 10.02 -15.04 -8.79
N GLU B 458 9.28 -15.49 -9.80
CA GLU B 458 9.92 -16.14 -10.95
C GLU B 458 10.68 -15.16 -11.83
N GLU B 459 10.51 -13.87 -11.62
CA GLU B 459 11.24 -12.87 -12.40
C GLU B 459 12.74 -12.96 -12.10
N LYS B 460 13.55 -12.86 -13.14
CA LYS B 460 14.99 -13.00 -13.04
C LYS B 460 15.66 -11.79 -13.67
N SER B 461 16.78 -11.36 -13.08
CA SER B 461 17.50 -10.21 -13.60
C SER B 461 18.13 -10.53 -14.94
N ASP B 462 18.04 -9.58 -15.87
CA ASP B 462 18.66 -9.76 -17.19
C ASP B 462 20.17 -9.82 -17.08
N ILE B 463 20.76 -8.99 -16.24
CA ILE B 463 22.21 -8.94 -16.05
C ILE B 463 22.59 -9.95 -14.98
N THR B 464 23.51 -10.85 -15.32
CA THR B 464 23.97 -11.86 -14.39
C THR B 464 25.49 -11.96 -14.46
N ASN B 465 26.09 -12.39 -13.36
CA ASN B 465 27.54 -12.52 -13.30
C ASN B 465 28.02 -13.72 -14.12
N THR B 466 29.27 -13.65 -14.58
CA THR B 466 29.87 -14.75 -15.31
C THR B 466 30.03 -15.95 -14.37
N SER B 467 30.02 -17.15 -14.96
CA SER B 467 30.16 -18.37 -14.18
C SER B 467 31.47 -18.37 -13.40
N ASP B 468 32.56 -17.96 -14.04
CA ASP B 468 33.85 -17.78 -13.37
C ASP B 468 34.13 -16.29 -13.28
N ALA B 469 34.33 -15.79 -12.07
CA ALA B 469 34.54 -14.37 -11.83
C ALA B 469 35.85 -14.15 -11.10
N LYS B 470 36.61 -13.15 -11.56
CA LYS B 470 37.88 -12.79 -10.95
C LYS B 470 37.72 -11.53 -10.12
N PRO B 471 38.24 -11.50 -8.89
CA PRO B 471 38.18 -10.27 -8.10
C PRO B 471 38.92 -9.13 -8.78
N LEU B 472 38.37 -7.92 -8.65
CA LEU B 472 38.94 -6.75 -9.31
C LEU B 472 40.17 -6.28 -8.53
N VAL B 473 41.33 -6.28 -9.20
CA VAL B 473 42.57 -5.80 -8.61
C VAL B 473 43.13 -4.72 -9.54
N LEU B 474 43.36 -3.52 -9.01
CA LEU B 474 43.86 -2.42 -9.80
C LEU B 474 44.85 -1.61 -8.98
N LYS B 475 45.95 -1.21 -9.62
CA LYS B 475 46.92 -0.31 -9.04
C LYS B 475 46.77 1.12 -9.55
N GLY B 476 45.83 1.35 -10.46
CA GLY B 476 45.60 2.69 -10.98
C GLY B 476 44.31 2.72 -11.78
N GLY B 477 43.76 3.92 -11.90
CA GLY B 477 42.51 4.09 -12.59
C GLY B 477 42.65 4.44 -14.06
N ASN B 478 42.55 3.44 -14.93
CA ASN B 478 42.61 3.62 -16.37
C ASN B 478 41.32 3.09 -16.99
N ILE B 479 40.66 3.93 -17.79
CA ILE B 479 39.41 3.59 -18.43
C ILE B 479 39.58 3.72 -19.94
N GLU B 480 39.20 2.68 -20.67
CA GLU B 480 39.35 2.65 -22.12
C GLU B 480 38.03 2.22 -22.76
N PHE B 481 37.63 2.93 -23.82
CA PHE B 481 36.43 2.63 -24.58
C PHE B 481 36.82 2.31 -26.01
N GLU B 482 36.27 1.23 -26.55
CA GLU B 482 36.59 0.75 -27.90
C GLU B 482 35.29 0.55 -28.68
N ASN B 483 34.83 1.59 -29.34
CA ASN B 483 33.67 1.52 -30.25
C ASN B 483 32.44 0.95 -29.55
N VAL B 484 32.03 1.60 -28.46
CA VAL B 484 30.87 1.15 -27.71
C VAL B 484 29.60 1.57 -28.44
N HIS B 485 28.67 0.63 -28.58
CA HIS B 485 27.36 0.90 -29.18
C HIS B 485 26.29 0.37 -28.24
N PHE B 486 25.35 1.23 -27.87
CA PHE B 486 24.31 0.87 -26.91
C PHE B 486 23.03 1.63 -27.23
N SER B 487 21.89 0.96 -27.00
CA SER B 487 20.59 1.53 -27.29
C SER B 487 19.59 1.05 -26.24
N TYR B 488 18.79 1.97 -25.71
CA TYR B 488 17.71 1.58 -24.81
C TYR B 488 16.67 0.74 -25.53
N LEU B 489 16.33 1.12 -26.76
CA LEU B 489 15.36 0.41 -27.57
C LEU B 489 15.96 0.12 -28.95
N PRO B 490 15.53 -0.96 -29.60
CA PRO B 490 16.10 -1.28 -30.93
C PRO B 490 15.81 -0.23 -31.98
N GLU B 491 14.78 0.61 -31.80
CA GLU B 491 14.42 1.58 -32.83
C GLU B 491 15.45 2.71 -32.92
N ARG B 492 15.87 3.25 -31.78
CA ARG B 492 16.76 4.40 -31.74
C ARG B 492 18.09 3.99 -31.11
N LYS B 493 19.19 4.40 -31.74
CA LYS B 493 20.53 4.17 -31.23
C LYS B 493 21.05 5.47 -30.63
N ILE B 494 21.39 5.42 -29.33
CA ILE B 494 21.83 6.63 -28.64
C ILE B 494 23.34 6.82 -28.76
N LEU B 495 24.11 5.75 -28.56
CA LEU B 495 25.56 5.80 -28.58
C LEU B 495 26.07 5.11 -29.84
N ASP B 496 26.98 5.77 -30.54
CA ASP B 496 27.51 5.25 -31.80
C ASP B 496 28.97 5.64 -31.93
N GLY B 497 29.86 4.66 -31.86
CA GLY B 497 31.28 4.88 -32.11
C GLY B 497 31.97 5.85 -31.16
N ILE B 498 31.74 5.69 -29.87
CA ILE B 498 32.39 6.52 -28.86
C ILE B 498 33.62 5.79 -28.35
N SER B 499 34.79 6.43 -28.48
CA SER B 499 36.05 5.85 -28.02
C SER B 499 36.86 6.93 -27.35
N PHE B 500 37.22 6.71 -26.08
CA PHE B 500 38.03 7.66 -25.33
C PHE B 500 38.81 6.91 -24.27
N VAL B 501 39.90 7.53 -23.80
CA VAL B 501 40.78 6.95 -22.80
C VAL B 501 40.94 7.93 -21.66
N VAL B 502 40.93 7.41 -20.43
CA VAL B 502 41.07 8.19 -19.22
C VAL B 502 42.41 7.83 -18.58
N PRO B 503 43.43 8.69 -18.67
CA PRO B 503 44.72 8.37 -18.06
C PRO B 503 44.63 8.32 -16.53
N ALA B 504 45.51 7.52 -15.95
CA ALA B 504 45.54 7.37 -14.50
C ALA B 504 45.97 8.66 -13.82
N GLY B 505 45.30 9.00 -12.73
CA GLY B 505 45.60 10.22 -12.01
C GLY B 505 45.23 11.49 -12.73
N LYS B 506 44.32 11.42 -13.71
CA LYS B 506 43.91 12.57 -14.49
C LYS B 506 42.39 12.68 -14.49
N SER B 507 41.90 13.88 -14.73
CA SER B 507 40.48 14.17 -14.75
C SER B 507 40.05 14.54 -16.17
N VAL B 508 38.95 13.98 -16.62
CA VAL B 508 38.39 14.24 -17.94
C VAL B 508 36.96 14.75 -17.77
N ALA B 509 36.61 15.79 -18.50
CA ALA B 509 35.28 16.39 -18.45
C ALA B 509 34.65 16.36 -19.83
N ILE B 510 33.39 15.94 -19.90
CA ILE B 510 32.65 15.88 -21.14
C ILE B 510 31.50 16.88 -21.07
N VAL B 511 31.28 17.60 -22.16
CA VAL B 511 30.20 18.59 -22.27
C VAL B 511 29.53 18.42 -23.61
N GLY B 512 28.31 18.93 -23.71
CA GLY B 512 27.57 18.86 -24.96
C GLY B 512 26.10 19.19 -24.74
N THR B 513 25.33 18.95 -25.80
CA THR B 513 23.89 19.19 -25.75
C THR B 513 23.24 18.23 -24.76
N SER B 514 22.20 18.72 -24.09
CA SER B 514 21.50 17.92 -23.09
C SER B 514 20.93 16.63 -23.68
N GLY B 515 20.53 16.66 -24.95
CA GLY B 515 20.00 15.49 -25.61
C GLY B 515 21.03 14.53 -26.16
N SER B 516 22.33 14.82 -25.99
CA SER B 516 23.38 13.98 -26.53
C SER B 516 23.59 12.70 -25.72
N GLY B 517 22.92 12.55 -24.59
CA GLY B 517 23.08 11.35 -23.78
C GLY B 517 24.45 11.17 -23.15
N LYS B 518 25.02 12.24 -22.60
CA LYS B 518 26.33 12.14 -21.97
C LYS B 518 26.26 11.32 -20.68
N SER B 519 25.16 11.43 -19.94
CA SER B 519 25.02 10.69 -18.69
C SER B 519 24.79 9.20 -18.90
N THR B 520 24.46 8.78 -20.12
CA THR B 520 24.28 7.35 -20.37
C THR B 520 25.58 6.58 -20.21
N ILE B 521 26.72 7.21 -20.51
CA ILE B 521 28.01 6.55 -20.33
C ILE B 521 28.26 6.27 -18.86
N LEU B 522 27.97 7.24 -18.00
CA LEU B 522 28.17 7.05 -16.56
C LEU B 522 27.28 5.92 -16.03
N ARG B 523 26.02 5.89 -16.47
CA ARG B 523 25.13 4.79 -16.08
C ARG B 523 25.62 3.46 -16.64
N MET B 524 26.10 3.46 -17.89
CA MET B 524 26.59 2.23 -18.49
C MET B 524 27.90 1.77 -17.87
N LEU B 525 28.75 2.71 -17.46
CA LEU B 525 30.02 2.34 -16.83
C LEU B 525 29.80 1.60 -15.52
N PHE B 526 28.75 1.98 -14.78
CA PHE B 526 28.37 1.28 -13.56
C PHE B 526 27.72 -0.07 -13.84
N ARG B 527 27.58 -0.44 -15.11
CA ARG B 527 27.02 -1.72 -15.53
C ARG B 527 25.56 -1.88 -15.11
N PHE B 528 24.83 -0.77 -15.07
CA PHE B 528 23.38 -0.85 -14.95
C PHE B 528 22.77 -1.52 -16.18
N PHE B 529 23.27 -1.18 -17.36
CA PHE B 529 22.88 -1.82 -18.61
C PHE B 529 24.12 -2.32 -19.33
N ASP B 530 24.09 -3.57 -19.78
CA ASP B 530 25.25 -4.16 -20.42
C ASP B 530 25.45 -3.61 -21.83
N THR B 531 26.71 -3.62 -22.28
CA THR B 531 27.03 -3.17 -23.62
C THR B 531 26.55 -4.18 -24.65
N ASP B 532 26.33 -3.68 -25.87
CA ASP B 532 25.86 -4.52 -26.98
C ASP B 532 27.02 -5.04 -27.83
N SER B 533 27.80 -4.14 -28.42
CA SER B 533 28.91 -4.51 -29.30
C SER B 533 30.11 -3.62 -29.06
N GLY B 534 30.43 -3.38 -27.79
CA GLY B 534 31.55 -2.53 -27.45
C GLY B 534 32.42 -3.18 -26.39
N ASN B 535 33.66 -2.69 -26.31
CA ASN B 535 34.64 -3.17 -25.33
C ASN B 535 34.91 -2.06 -24.33
N ILE B 536 34.72 -2.36 -23.05
CA ILE B 536 35.00 -1.44 -21.96
C ILE B 536 36.03 -2.09 -21.04
N ARG B 537 37.09 -1.34 -20.73
CA ARG B 537 38.24 -1.88 -20.03
C ARG B 537 38.63 -0.99 -18.86
N ILE B 538 38.98 -1.61 -17.74
CA ILE B 538 39.50 -0.90 -16.57
C ILE B 538 40.82 -1.52 -16.17
N ASP B 539 41.89 -0.71 -16.20
CA ASP B 539 43.24 -1.15 -15.84
C ASP B 539 43.64 -2.42 -16.59
N GLY B 540 43.31 -2.47 -17.88
CA GLY B 540 43.60 -3.64 -18.68
C GLY B 540 42.85 -4.89 -18.28
N GLN B 541 41.60 -4.74 -17.83
CA GLN B 541 40.78 -5.87 -17.43
C GLN B 541 39.39 -5.71 -18.02
N ASP B 542 38.72 -6.84 -18.26
CA ASP B 542 37.38 -6.82 -18.82
C ASP B 542 36.36 -6.58 -17.71
N ILE B 543 35.57 -5.52 -17.87
CA ILE B 543 34.58 -5.17 -16.84
C ILE B 543 33.51 -6.24 -16.75
N LYS B 544 33.06 -6.77 -17.90
CA LYS B 544 32.05 -7.83 -17.88
C LYS B 544 32.59 -9.08 -17.18
N GLU B 545 33.84 -9.44 -17.43
CA GLU B 545 34.44 -10.59 -16.75
C GLU B 545 34.58 -10.33 -15.26
N VAL B 546 34.95 -9.10 -14.88
CA VAL B 546 35.13 -8.76 -13.47
C VAL B 546 33.80 -8.90 -12.74
N ARG B 547 33.86 -9.45 -11.53
CA ARG B 547 32.66 -9.69 -10.74
C ARG B 547 31.94 -8.39 -10.42
N LEU B 548 30.61 -8.45 -10.42
CA LEU B 548 29.80 -7.26 -10.19
C LEU B 548 30.02 -6.69 -8.79
N ASP B 549 30.15 -7.56 -7.80
CA ASP B 549 30.35 -7.10 -6.43
C ASP B 549 31.65 -6.32 -6.30
N SER B 550 32.72 -6.80 -6.94
CA SER B 550 33.98 -6.08 -6.91
C SER B 550 33.91 -4.80 -7.74
N LEU B 551 33.20 -4.84 -8.86
CA LEU B 551 33.11 -3.66 -9.73
C LEU B 551 32.36 -2.52 -9.06
N ARG B 552 31.23 -2.83 -8.40
CA ARG B 552 30.37 -1.81 -7.82
C ARG B 552 30.85 -1.32 -6.45
N SER B 553 32.08 -1.65 -6.06
CA SER B 553 32.64 -1.16 -4.81
C SER B 553 33.91 -0.34 -4.98
N SER B 554 34.62 -0.46 -6.10
CA SER B 554 35.84 0.33 -6.29
C SER B 554 35.54 1.77 -6.65
N ILE B 555 34.44 2.03 -7.34
CA ILE B 555 34.11 3.36 -7.82
C ILE B 555 32.88 3.88 -7.09
N GLY B 556 32.77 5.20 -7.04
CA GLY B 556 31.63 5.86 -6.43
C GLY B 556 31.09 6.95 -7.33
N VAL B 557 29.78 7.12 -7.30
CA VAL B 557 29.10 8.04 -8.20
C VAL B 557 28.13 8.91 -7.40
N VAL B 558 28.04 10.18 -7.78
CA VAL B 558 27.10 11.12 -7.20
C VAL B 558 25.88 11.19 -8.11
N PRO B 559 24.68 10.86 -7.63
CA PRO B 559 23.51 10.84 -8.52
C PRO B 559 23.18 12.21 -9.06
N GLN B 560 22.63 12.22 -10.28
CA GLN B 560 22.18 13.46 -10.89
C GLN B 560 21.06 14.10 -10.08
N ASP B 561 20.10 13.30 -9.63
CA ASP B 561 19.03 13.73 -8.75
C ASP B 561 19.23 13.09 -7.39
N THR B 562 19.27 13.91 -6.35
CA THR B 562 19.57 13.44 -5.00
C THR B 562 18.30 12.95 -4.32
N VAL B 563 18.36 11.72 -3.80
CA VAL B 563 17.28 11.12 -3.04
C VAL B 563 17.82 10.75 -1.66
N LEU B 564 17.11 11.17 -0.62
CA LEU B 564 17.54 10.96 0.75
C LEU B 564 16.52 10.11 1.50
N PHE B 565 17.02 9.33 2.45
CA PHE B 565 16.16 8.52 3.30
C PHE B 565 15.31 9.40 4.21
N ASN B 566 14.15 8.88 4.60
CA ASN B 566 13.28 9.56 5.57
C ASN B 566 13.76 9.24 6.98
N ASP B 567 14.97 9.74 7.27
CA ASP B 567 15.65 9.46 8.53
C ASP B 567 16.50 10.68 8.87
N THR B 568 17.25 10.59 9.97
CA THR B 568 18.06 11.71 10.41
C THR B 568 19.19 12.01 9.40
N ILE B 569 19.57 13.28 9.35
CA ILE B 569 20.65 13.70 8.44
C ILE B 569 21.97 13.04 8.85
N PHE B 570 22.15 12.77 10.14
CA PHE B 570 23.35 12.04 10.56
C PHE B 570 23.37 10.64 9.97
N HIS B 571 22.23 9.95 9.98
CA HIS B 571 22.17 8.63 9.34
C HIS B 571 22.38 8.74 7.84
N ASN B 572 21.80 9.77 7.22
CA ASN B 572 21.98 9.95 5.78
C ASN B 572 23.44 10.16 5.41
N ILE B 573 24.16 10.95 6.19
CA ILE B 573 25.57 11.19 5.90
C ILE B 573 26.46 10.03 6.33
N HIS B 574 26.01 9.21 7.28
CA HIS B 574 26.77 8.03 7.72
C HIS B 574 26.49 6.80 6.86
N TYR B 575 25.46 6.85 6.01
CA TYR B 575 25.18 5.73 5.11
C TYR B 575 26.33 5.43 4.16
N GLY B 576 27.24 6.39 3.95
CA GLY B 576 28.35 6.14 3.04
C GLY B 576 29.24 4.98 3.47
N ARG B 577 29.54 4.92 4.76
CA ARG B 577 30.37 3.84 5.30
C ARG B 577 29.99 3.63 6.76
N LEU B 578 29.39 2.48 7.06
CA LEU B 578 28.97 2.20 8.43
C LEU B 578 30.14 2.03 9.38
N SER B 579 31.32 1.69 8.87
CA SER B 579 32.50 1.54 9.70
C SER B 579 33.10 2.87 10.16
N ALA B 580 32.65 3.98 9.58
CA ALA B 580 33.18 5.28 9.96
C ALA B 580 32.70 5.67 11.36
N THR B 581 33.54 6.44 12.05
CA THR B 581 33.24 6.92 13.39
C THR B 581 32.67 8.33 13.33
N GLU B 582 32.40 8.90 14.50
CA GLU B 582 31.84 10.24 14.57
C GLU B 582 32.83 11.29 14.05
N GLU B 583 34.12 11.11 14.34
CA GLU B 583 35.11 12.07 13.90
C GLU B 583 35.20 12.14 12.38
N GLU B 584 35.13 10.98 11.72
CA GLU B 584 35.18 10.96 10.26
C GLU B 584 33.97 11.68 9.65
N VAL B 585 32.80 11.49 10.24
CA VAL B 585 31.60 12.14 9.75
C VAL B 585 31.70 13.65 9.88
N TYR B 586 32.18 14.13 11.04
CA TYR B 586 32.25 15.56 11.28
C TYR B 586 33.25 16.25 10.35
N GLU B 587 34.41 15.63 10.14
CA GLU B 587 35.40 16.23 9.25
C GLU B 587 34.95 16.19 7.79
N ALA B 588 34.14 15.20 7.42
CA ALA B 588 33.63 15.14 6.06
C ALA B 588 32.68 16.30 5.76
N ALA B 589 31.86 16.69 6.74
CA ALA B 589 30.92 17.80 6.54
C ALA B 589 31.65 19.12 6.37
N ARG B 590 32.81 19.28 7.01
CA ARG B 590 33.56 20.53 6.87
C ARG B 590 34.03 20.74 5.44
N ARG B 591 34.50 19.66 4.79
CA ARG B 591 34.94 19.79 3.41
C ARG B 591 33.77 19.88 2.44
N ALA B 592 32.55 19.59 2.92
CA ALA B 592 31.34 19.73 2.12
C ALA B 592 30.68 21.09 2.31
N ALA B 593 31.26 21.97 3.13
CA ALA B 593 30.72 23.31 3.39
C ALA B 593 29.29 23.25 3.91
N ILE B 594 29.01 22.30 4.78
CA ILE B 594 27.68 22.14 5.36
C ILE B 594 27.67 22.12 6.88
N HIS B 595 28.82 21.90 7.53
CA HIS B 595 28.84 21.81 8.99
C HIS B 595 28.43 23.13 9.63
N GLU B 596 28.87 24.26 9.06
CA GLU B 596 28.49 25.56 9.61
C GLU B 596 26.98 25.77 9.53
N THR B 597 26.36 25.40 8.40
CA THR B 597 24.91 25.53 8.28
C THR B 597 24.18 24.60 9.23
N ILE B 598 24.70 23.38 9.41
CA ILE B 598 24.05 22.41 10.29
C ILE B 598 24.13 22.88 11.74
N SER B 599 25.24 23.53 12.11
CA SER B 599 25.42 23.96 13.49
C SER B 599 24.36 24.97 13.93
N ASN B 600 23.84 25.76 12.99
CA ASN B 600 22.83 26.76 13.29
C ASN B 600 21.41 26.19 13.29
N PHE B 601 21.24 24.91 12.97
CA PHE B 601 19.92 24.32 12.95
C PHE B 601 19.38 24.19 14.38
N PRO B 602 18.05 24.19 14.56
CA PRO B 602 17.49 23.98 15.90
C PRO B 602 17.87 22.64 16.50
N ASP B 603 18.02 21.61 15.68
CA ASP B 603 18.45 20.29 16.13
C ASP B 603 19.71 19.93 15.35
N LYS B 604 20.87 20.15 15.97
CA LYS B 604 22.15 19.91 15.32
C LYS B 604 22.34 18.41 15.07
N TYR B 605 22.53 18.03 13.81
CA TYR B 605 22.73 16.65 13.39
C TYR B 605 21.60 15.73 13.81
N SER B 606 20.41 16.28 14.05
CA SER B 606 19.27 15.47 14.47
C SER B 606 17.96 15.87 13.78
N THR B 607 17.98 16.83 12.85
CA THR B 607 16.77 17.19 12.14
C THR B 607 16.30 16.04 11.26
N ILE B 608 14.98 15.88 11.17
CA ILE B 608 14.38 14.78 10.42
C ILE B 608 14.16 15.25 8.99
N VAL B 609 14.88 14.66 8.05
CA VAL B 609 14.69 14.97 6.64
C VAL B 609 13.39 14.33 6.17
N GLY B 610 12.58 15.10 5.44
CA GLY B 610 11.28 14.64 5.03
C GLY B 610 11.36 13.56 3.95
N GLU B 611 10.18 13.18 3.47
CA GLU B 611 10.08 12.15 2.45
C GLU B 611 10.80 12.60 1.18
N ARG B 612 11.66 11.73 0.66
CA ARG B 612 12.45 11.99 -0.54
C ARG B 612 13.28 13.26 -0.42
N GLY B 613 13.63 13.65 0.81
CA GLY B 613 14.45 14.83 1.03
C GLY B 613 13.81 16.15 0.61
N LEU B 614 12.49 16.27 0.75
CA LEU B 614 11.82 17.52 0.40
C LEU B 614 12.02 18.59 1.47
N LYS B 615 12.20 18.19 2.72
CA LYS B 615 12.29 19.15 3.82
C LYS B 615 13.51 20.05 3.67
N LEU B 616 14.66 19.46 3.35
CA LEU B 616 15.87 20.24 3.19
C LEU B 616 15.85 21.03 1.88
N SER B 617 16.64 22.10 1.83
CA SER B 617 16.73 22.92 0.64
C SER B 617 17.45 22.16 -0.47
N GLY B 618 17.33 22.67 -1.69
CA GLY B 618 17.99 22.03 -2.82
C GLY B 618 19.50 22.02 -2.69
N GLY B 619 20.08 23.16 -2.32
CA GLY B 619 21.52 23.23 -2.16
C GLY B 619 22.05 22.35 -1.06
N GLU B 620 21.39 22.37 0.10
CA GLU B 620 21.83 21.54 1.22
C GLU B 620 21.65 20.05 0.91
N LYS B 621 20.57 19.72 0.20
CA LYS B 621 20.39 18.34 -0.24
C LYS B 621 21.50 17.92 -1.19
N GLN B 622 21.91 18.81 -2.09
CA GLN B 622 23.03 18.53 -2.97
C GLN B 622 24.32 18.32 -2.19
N ARG B 623 24.55 19.14 -1.16
CA ARG B 623 25.77 19.02 -0.37
C ARG B 623 25.80 17.71 0.40
N VAL B 624 24.65 17.23 0.86
CA VAL B 624 24.60 16.00 1.65
C VAL B 624 25.06 14.81 0.79
N ALA B 625 24.59 14.74 -0.46
CA ALA B 625 24.98 13.64 -1.33
C ALA B 625 26.48 13.64 -1.59
N LEU B 626 27.07 14.82 -1.77
CA LEU B 626 28.51 14.90 -1.98
C LEU B 626 29.28 14.41 -0.75
N ALA B 627 28.76 14.71 0.44
CA ALA B 627 29.41 14.28 1.67
C ALA B 627 29.43 12.76 1.79
N ARG B 628 28.39 12.08 1.30
CA ARG B 628 28.37 10.63 1.32
C ARG B 628 29.51 10.05 0.48
N THR B 629 29.71 10.60 -0.72
CA THR B 629 30.81 10.15 -1.57
C THR B 629 32.15 10.50 -0.95
N PHE B 630 32.25 11.67 -0.30
CA PHE B 630 33.48 12.04 0.39
C PHE B 630 33.83 11.03 1.48
N LEU B 631 32.83 10.65 2.28
CA LEU B 631 33.06 9.67 3.33
C LEU B 631 33.40 8.30 2.76
N LYS B 632 32.75 7.91 1.66
CA LYS B 632 33.05 6.62 1.04
C LYS B 632 34.49 6.58 0.53
N SER B 633 34.95 7.66 -0.10
CA SER B 633 36.30 7.78 -0.64
C SER B 633 36.61 6.65 -1.61
N PRO B 634 35.98 6.61 -2.77
CA PRO B 634 36.21 5.52 -3.72
C PRO B 634 37.49 5.74 -4.51
N ALA B 635 37.88 4.70 -5.26
CA ALA B 635 39.07 4.79 -6.09
C ALA B 635 38.86 5.68 -7.31
N ILE B 636 37.65 5.68 -7.88
CA ILE B 636 37.32 6.49 -9.04
C ILE B 636 36.11 7.34 -8.70
N LEU B 637 36.21 8.64 -8.95
CA LEU B 637 35.14 9.59 -8.65
C LEU B 637 34.35 9.90 -9.91
N LEU B 638 33.03 9.85 -9.80
CA LEU B 638 32.14 10.14 -10.94
C LEU B 638 31.02 11.03 -10.43
N CYS B 639 31.13 12.33 -10.66
CA CYS B 639 30.11 13.29 -10.27
C CYS B 639 29.22 13.60 -11.46
N ASP B 640 27.91 13.61 -11.23
CA ASP B 640 26.92 13.89 -12.26
C ASP B 640 26.11 15.10 -11.84
N GLU B 641 26.33 16.23 -12.51
CA GLU B 641 25.63 17.48 -12.22
C GLU B 641 25.81 17.87 -10.74
N ALA B 642 27.07 18.02 -10.34
CA ALA B 642 27.38 18.25 -8.94
C ALA B 642 26.97 19.66 -8.51
N THR B 643 27.52 20.68 -9.15
CA THR B 643 27.26 22.06 -8.76
C THR B 643 26.13 22.67 -9.60
N SER B 644 24.95 22.10 -9.43
CA SER B 644 23.78 22.60 -10.16
C SER B 644 22.99 23.61 -9.30
N ALA B 645 22.49 23.17 -8.16
CA ALA B 645 21.77 24.03 -7.23
C ALA B 645 22.69 24.59 -6.15
N LEU B 646 23.79 25.20 -6.55
CA LEU B 646 24.78 25.73 -5.62
C LEU B 646 25.18 27.13 -6.05
N ASP B 647 25.27 28.05 -5.09
CA ASP B 647 25.69 29.40 -5.38
C ASP B 647 27.17 29.43 -5.78
N SER B 648 27.56 30.51 -6.46
CA SER B 648 28.89 30.57 -7.05
C SER B 648 29.98 30.55 -5.97
N THR B 649 29.77 31.26 -4.86
CA THR B 649 30.83 31.44 -3.88
C THR B 649 31.21 30.13 -3.20
N THR B 650 30.24 29.24 -2.99
CA THR B 650 30.54 27.96 -2.35
C THR B 650 31.20 26.99 -3.33
N GLU B 651 30.90 27.13 -4.62
CA GLU B 651 31.44 26.19 -5.61
C GLU B 651 32.96 26.30 -5.70
N ALA B 652 33.50 27.51 -5.53
CA ALA B 652 34.95 27.68 -5.58
C ALA B 652 35.64 26.91 -4.47
N GLU B 653 35.07 26.92 -3.26
CA GLU B 653 35.65 26.15 -2.16
C GLU B 653 35.57 24.66 -2.43
N ILE B 654 34.44 24.19 -2.97
CA ILE B 654 34.28 22.77 -3.24
C ILE B 654 35.27 22.29 -4.30
N LEU B 655 35.43 23.06 -5.37
CA LEU B 655 36.34 22.67 -6.43
C LEU B 655 37.78 22.61 -5.93
N ASN B 656 38.17 23.54 -5.06
CA ASN B 656 39.51 23.51 -4.49
C ASN B 656 39.74 22.25 -3.67
N ALA B 657 38.73 21.83 -2.91
CA ALA B 657 38.83 20.59 -2.14
C ALA B 657 38.96 19.39 -3.06
N LEU B 658 38.23 19.39 -4.18
CA LEU B 658 38.32 18.28 -5.11
C LEU B 658 39.71 18.17 -5.71
N LYS B 659 40.30 19.30 -6.11
CA LYS B 659 41.60 19.28 -6.78
C LYS B 659 42.75 18.94 -5.85
N ALA B 660 42.53 18.95 -4.53
CA ALA B 660 43.57 18.58 -3.58
C ALA B 660 43.48 17.11 -3.20
N LEU B 661 42.27 16.63 -2.88
CA LEU B 661 42.10 15.25 -2.46
C LEU B 661 42.20 14.27 -3.63
N ALA B 662 41.61 14.63 -4.77
CA ALA B 662 41.53 13.74 -5.93
C ALA B 662 42.73 13.85 -6.86
N SER B 663 43.88 14.30 -6.37
CA SER B 663 45.05 14.42 -7.22
C SER B 663 45.63 13.06 -7.57
N ASN B 664 45.59 12.12 -6.62
CA ASN B 664 46.23 10.82 -6.81
C ASN B 664 45.34 9.79 -7.50
N ARG B 665 44.06 10.08 -7.71
CA ARG B 665 43.15 9.12 -8.33
C ARG B 665 42.33 9.83 -9.41
N THR B 666 42.00 9.08 -10.46
CA THR B 666 41.29 9.64 -11.60
C THR B 666 39.84 9.94 -11.25
N SER B 667 39.24 10.86 -12.00
CA SER B 667 37.85 11.23 -11.81
C SER B 667 37.29 11.75 -13.11
N ILE B 668 35.96 11.69 -13.23
CA ILE B 668 35.24 12.19 -14.40
C ILE B 668 34.15 13.13 -13.92
N PHE B 669 34.18 14.37 -14.39
CA PHE B 669 33.17 15.38 -14.04
C PHE B 669 32.36 15.70 -15.28
N ILE B 670 31.04 15.67 -15.15
CA ILE B 670 30.12 16.04 -16.22
C ILE B 670 29.21 17.15 -15.72
N ALA B 671 29.12 18.23 -16.47
CA ALA B 671 28.30 19.38 -16.13
C ALA B 671 28.29 20.35 -17.31
N HIS B 672 27.17 21.05 -17.50
CA HIS B 672 27.06 22.01 -18.58
C HIS B 672 27.82 23.30 -18.29
N ARG B 673 28.02 23.63 -17.01
CA ARG B 673 28.74 24.85 -16.66
C ARG B 673 30.19 24.74 -17.11
N LEU B 674 30.69 25.82 -17.71
CA LEU B 674 32.04 25.82 -18.27
C LEU B 674 33.12 25.98 -17.20
N THR B 675 32.76 26.47 -16.01
CA THR B 675 33.78 26.72 -14.99
C THR B 675 34.31 25.43 -14.38
N THR B 676 33.49 24.39 -14.29
CA THR B 676 33.95 23.14 -13.69
C THR B 676 34.84 22.36 -14.64
N ALA B 677 34.58 22.45 -15.95
CA ALA B 677 35.40 21.74 -16.93
C ALA B 677 36.71 22.46 -17.24
N MET B 678 36.81 23.75 -16.89
CA MET B 678 38.02 24.51 -17.20
C MET B 678 39.22 23.96 -16.43
N GLN B 679 39.01 23.58 -15.16
CA GLN B 679 40.11 23.09 -14.35
C GLN B 679 40.59 21.72 -14.81
N CYS B 680 39.74 20.94 -15.47
CA CYS B 680 40.12 19.61 -15.92
C CYS B 680 41.17 19.69 -17.02
N ASP B 681 42.08 18.72 -17.00
CA ASP B 681 43.18 18.71 -17.97
C ASP B 681 42.68 18.40 -19.38
N GLU B 682 41.82 17.40 -19.52
CA GLU B 682 41.34 16.94 -20.81
C GLU B 682 39.85 17.21 -20.94
N ILE B 683 39.46 17.84 -22.04
CA ILE B 683 38.06 18.19 -22.31
C ILE B 683 37.67 17.61 -23.65
N VAL B 684 36.54 16.91 -23.70
CA VAL B 684 35.99 16.40 -24.95
C VAL B 684 34.55 16.86 -25.06
N VAL B 685 34.06 16.94 -26.30
CA VAL B 685 32.71 17.40 -26.59
C VAL B 685 31.95 16.25 -27.24
N LEU B 686 30.81 15.89 -26.67
CA LEU B 686 29.98 14.80 -27.16
C LEU B 686 28.65 15.36 -27.61
N GLU B 687 28.30 15.13 -28.87
CA GLU B 687 27.04 15.60 -29.44
C GLU B 687 26.51 14.55 -30.41
N ASN B 688 25.21 14.28 -30.33
CA ASN B 688 24.53 13.32 -31.21
C ASN B 688 25.17 11.93 -31.11
N GLY B 689 25.63 11.58 -29.92
CA GLY B 689 26.16 10.25 -29.67
C GLY B 689 27.55 9.98 -30.23
N LYS B 690 28.25 11.01 -30.69
CA LYS B 690 29.59 10.84 -31.23
C LYS B 690 30.48 11.97 -30.75
N VAL B 691 31.74 11.64 -30.44
CA VAL B 691 32.70 12.64 -30.00
C VAL B 691 33.07 13.54 -31.18
N VAL B 692 33.25 14.83 -30.90
CA VAL B 692 33.55 15.82 -31.93
C VAL B 692 34.99 16.32 -31.81
N GLU B 693 35.34 16.92 -30.68
CA GLU B 693 36.67 17.49 -30.47
C GLU B 693 37.22 17.02 -29.13
N GLN B 694 38.53 16.81 -29.09
CA GLN B 694 39.23 16.37 -27.88
C GLN B 694 40.50 17.18 -27.70
N GLY B 695 40.94 17.27 -26.45
CA GLY B 695 42.18 17.95 -26.13
C GLY B 695 42.09 18.84 -24.91
N PRO B 696 43.17 19.57 -24.61
CA PRO B 696 43.14 20.47 -23.45
C PRO B 696 42.29 21.71 -23.69
N HIS B 697 42.14 22.53 -22.65
CA HIS B 697 41.28 23.71 -22.76
C HIS B 697 41.83 24.70 -23.78
N ASP B 698 43.16 24.89 -23.81
CA ASP B 698 43.75 25.88 -24.72
C ASP B 698 43.52 25.50 -26.18
N GLU B 699 43.69 24.22 -26.51
CA GLU B 699 43.51 23.80 -27.90
C GLU B 699 42.05 23.92 -28.33
N LEU B 700 41.11 23.59 -27.45
CA LEU B 700 39.70 23.66 -27.80
C LEU B 700 39.27 25.09 -28.12
N LEU B 701 39.73 26.06 -27.32
CA LEU B 701 39.39 27.45 -27.58
C LEU B 701 39.97 27.93 -28.90
N GLY B 702 41.20 27.56 -29.20
CA GLY B 702 41.82 27.95 -30.45
C GLY B 702 41.16 27.35 -31.67
N LYS B 703 40.68 26.11 -31.56
CA LYS B 703 40.09 25.41 -32.69
C LYS B 703 38.78 26.05 -33.17
N SER B 704 38.17 26.91 -32.35
CA SER B 704 36.91 27.57 -32.71
C SER B 704 35.82 26.56 -33.04
N GLY B 705 35.76 25.48 -32.27
CA GLY B 705 34.78 24.43 -32.47
C GLY B 705 33.53 24.63 -31.65
N ARG B 706 32.86 23.51 -31.36
CA ARG B 706 31.64 23.57 -30.57
C ARG B 706 31.91 24.05 -29.15
N TYR B 707 33.05 23.63 -28.57
CA TYR B 707 33.39 24.06 -27.21
C TYR B 707 33.62 25.56 -27.14
N ALA B 708 34.25 26.13 -28.17
CA ALA B 708 34.51 27.56 -28.18
C ALA B 708 33.22 28.36 -28.19
N GLN B 709 32.23 27.91 -28.97
CA GLN B 709 30.96 28.62 -29.04
C GLN B 709 30.25 28.60 -27.69
N LEU B 710 30.28 27.45 -27.00
CA LEU B 710 29.63 27.36 -25.69
C LEU B 710 30.27 28.31 -24.68
N TRP B 711 31.61 28.38 -24.67
CA TRP B 711 32.29 29.24 -23.72
C TRP B 711 32.16 30.72 -24.07
N THR B 712 32.01 31.03 -25.37
CA THR B 712 31.94 32.43 -25.78
C THR B 712 30.70 33.12 -25.21
N GLN B 713 29.55 32.46 -25.28
CA GLN B 713 28.31 33.07 -24.80
C GLN B 713 28.24 33.07 -23.28
N GLN B 714 28.85 32.08 -22.63
CA GLN B 714 28.87 32.06 -21.17
C GLN B 714 29.65 33.23 -20.60
N ASN B 715 30.80 33.55 -21.21
CA ASN B 715 31.57 34.71 -20.77
C ASN B 715 30.82 36.01 -21.01
N SER B 716 30.17 36.12 -22.15
CA SER B 716 29.39 37.32 -22.51
C SER B 716 30.23 38.60 -22.43
PB ADP C . 16.60 27.78 -1.30
O1B ADP C . 16.97 29.00 -2.12
O2B ADP C . 17.77 26.92 -0.90
O3B ADP C . 15.42 27.02 -1.82
PA ADP C . 14.97 27.74 1.01
O1A ADP C . 13.67 28.46 0.80
O2A ADP C . 15.07 26.25 0.84
O3A ADP C . 16.09 28.44 0.08
O5' ADP C . 15.55 28.10 2.47
C5' ADP C . 16.77 27.51 2.90
C4' ADP C . 16.88 27.60 4.41
O4' ADP C . 15.58 27.44 4.98
C3' ADP C . 17.77 26.49 4.95
O3' ADP C . 18.83 27.04 5.74
C2' ADP C . 16.87 25.62 5.80
O2' ADP C . 17.44 25.49 7.12
C1' ADP C . 15.54 26.34 5.89
N9 ADP C . 14.45 25.43 5.46
C8 ADP C . 13.94 25.37 4.22
N7 ADP C . 12.96 24.44 4.15
C5 ADP C . 12.84 23.89 5.36
C6 ADP C . 11.98 22.84 5.97
N6 ADP C . 11.04 22.19 5.23
N1 ADP C . 12.16 22.56 7.27
C2 ADP C . 13.09 23.20 8.01
N3 ADP C . 13.90 24.16 7.53
C4 ADP C . 13.82 24.54 6.23
V VO4 D . 18.08 27.06 -4.48
O1 VO4 D . 18.85 26.86 -6.22
O2 VO4 D . 17.81 25.34 -3.69
O3 VO4 D . 19.25 28.08 -3.37
O4 VO4 D . 16.39 27.95 -4.64
MG MG E . 17.07 25.90 -5.60
PB ADP F . 21.48 13.54 -20.05
O1B ADP F . 22.84 14.19 -20.20
O2B ADP F . 20.33 14.41 -20.46
O3B ADP F . 21.29 12.79 -18.75
PA ADP F . 20.73 10.99 -21.02
O1A ADP F . 21.71 9.92 -20.63
O2A ADP F . 19.49 11.25 -20.21
O3A ADP F . 21.54 12.38 -21.17
O5' ADP F . 20.28 10.76 -22.55
C5' ADP F . 19.32 11.65 -23.13
C4' ADP F . 18.70 11.00 -24.36
O4' ADP F . 18.56 9.60 -24.12
C3' ADP F . 17.32 11.58 -24.62
O3' ADP F . 17.24 12.09 -25.94
C2' ADP F . 16.35 10.43 -24.43
O2' ADP F . 15.53 10.28 -25.60
C1' ADP F . 17.20 9.19 -24.25
N9 ADP F . 16.82 8.50 -22.99
C8 ADP F . 17.42 8.66 -21.80
N7 ADP F . 16.84 7.90 -20.85
C5 ADP F . 15.83 7.22 -21.43
C6 ADP F . 14.82 6.24 -20.99
N6 ADP F . 14.77 5.82 -19.70
N1 ADP F . 13.95 5.77 -21.92
C2 ADP F . 14.00 6.19 -23.20
N3 ADP F . 14.89 7.08 -23.66
C4 ADP F . 15.82 7.62 -22.84
V VO4 G . 22.00 16.42 -17.98
O1 VO4 G . 22.46 17.95 -16.94
O2 VO4 G . 20.19 15.90 -17.62
O3 VO4 G . 22.15 16.84 -19.84
O4 VO4 G . 23.17 14.97 -17.54
MG MG H . 21.69 16.15 -16.13
#